data_5IDS
#
_entry.id   5IDS
#
_cell.length_a   112.410
_cell.length_b   115.580
_cell.length_c   95.810
_cell.angle_alpha   90.000
_cell.angle_beta   90.360
_cell.angle_gamma   90.000
#
_symmetry.space_group_name_H-M   'C 1 2 1'
#
loop_
_entity.id
_entity.type
_entity.pdbx_description
1 polymer 'Glucose-1-phosphate thymidylyltransferase'
2 water water
#
_entity_poly.entity_id   1
_entity_poly.type   'polypeptide(L)'
_entity_poly.pdbx_seq_one_letter_code
;MAHHHHHHMTQRKGIILAGGSGTRLHPATLAISKQLLPVYDKPMIYYPLSTLMLAGMRDVLVISTPQDTPRFQQLLGDGS
QWGMNLQYAVQPSPDGLAQAFIIGEQFIGNAPSALVLGDNIYYGHDFQPLLKAADAQSSGATVFAYHVHDPERYGVVQFN
AQGQAVSIEEKPKAPKSNYAVTGLYFYDQQVVDIAKAVKPSARGELEITSVNQAYMQQGQLNVQTMGRGYAWLDTGTHDS
LLDASQFIATLENRQGLKVACPEEIAWRSGWINASQLEALVQPLTKNGYGQYLMQILKETVF
;
_entity_poly.pdbx_strand_id   A,B,C,D
#
# COMPACT_ATOMS: atom_id res chain seq x y z
N THR A 10 -11.56 3.91 -27.41
CA THR A 10 -10.18 4.27 -27.71
C THR A 10 -9.22 3.29 -27.05
N GLN A 11 -8.36 2.65 -27.87
CA GLN A 11 -7.38 1.73 -27.32
C GLN A 11 -6.07 2.41 -26.95
N ARG A 12 -6.08 3.74 -26.80
CA ARG A 12 -4.88 4.47 -26.41
C ARG A 12 -4.70 4.27 -24.91
N LYS A 13 -3.46 4.08 -24.51
CA LYS A 13 -3.13 3.82 -23.11
C LYS A 13 -2.25 4.95 -22.59
N GLY A 14 -2.54 5.41 -21.39
CA GLY A 14 -1.92 6.61 -20.86
C GLY A 14 -0.90 6.33 -19.77
N ILE A 15 0.08 7.24 -19.66
CA ILE A 15 1.11 7.19 -18.64
C ILE A 15 1.15 8.54 -17.94
N ILE A 16 1.21 8.53 -16.61
CA ILE A 16 1.55 9.71 -15.82
C ILE A 16 2.95 9.49 -15.25
N LEU A 17 3.86 10.39 -15.57
CA LEU A 17 5.19 10.37 -14.99
C LEU A 17 5.21 11.31 -13.79
N ALA A 18 5.27 10.73 -12.60
CA ALA A 18 5.28 11.49 -11.36
C ALA A 18 6.59 11.27 -10.63
N GLY A 19 7.69 11.72 -11.21
CA GLY A 19 9.01 11.44 -10.69
C GLY A 19 9.49 12.43 -9.66
N GLY A 20 10.81 12.42 -9.44
CA GLY A 20 11.43 13.23 -8.41
C GLY A 20 11.02 14.68 -8.45
N SER A 21 10.58 15.18 -7.29
CA SER A 21 10.11 16.55 -7.09
C SER A 21 11.23 17.57 -6.94
N GLY A 22 12.43 17.16 -6.54
CA GLY A 22 13.49 18.09 -6.24
C GLY A 22 13.28 18.73 -4.87
N THR A 23 14.36 19.35 -4.36
CA THR A 23 14.24 20.16 -3.15
C THR A 23 13.63 21.53 -3.39
N ARG A 24 13.17 21.83 -4.60
CA ARG A 24 12.74 23.20 -4.91
C ARG A 24 11.55 23.64 -4.07
N LEU A 25 10.70 22.70 -3.65
CA LEU A 25 9.51 23.02 -2.88
C LEU A 25 9.65 22.73 -1.39
N HIS A 26 10.86 22.43 -0.91
CA HIS A 26 11.08 22.25 0.52
C HIS A 26 10.82 23.56 1.25
N PRO A 27 10.38 23.52 2.52
CA PRO A 27 10.16 22.30 3.32
C PRO A 27 8.80 21.63 3.15
N ALA A 28 7.92 22.23 2.35
CA ALA A 28 6.62 21.60 2.12
C ALA A 28 6.78 20.17 1.62
N THR A 29 7.77 19.92 0.77
CA THR A 29 7.91 18.59 0.18
C THR A 29 8.81 17.67 0.99
N LEU A 30 9.26 18.10 2.18
CA LEU A 30 9.87 17.16 3.11
C LEU A 30 8.86 16.12 3.55
N ALA A 31 7.59 16.51 3.67
CA ALA A 31 6.55 15.65 4.21
C ALA A 31 5.88 14.78 3.15
N ILE A 32 5.69 15.31 1.93
CA ILE A 32 4.98 14.62 0.87
C ILE A 32 5.68 14.87 -0.45
N SER A 33 5.60 13.92 -1.37
CA SER A 33 6.11 14.27 -2.69
C SER A 33 5.17 15.28 -3.38
N LYS A 34 5.75 16.03 -4.32
CA LYS A 34 5.06 17.16 -4.93
C LYS A 34 3.71 16.78 -5.51
N GLN A 35 3.62 15.64 -6.19
CA GLN A 35 2.37 15.32 -6.88
C GLN A 35 1.29 14.85 -5.93
N LEU A 36 1.57 14.81 -4.62
CA LEU A 36 0.54 14.57 -3.62
C LEU A 36 0.10 15.82 -2.89
N LEU A 37 0.78 16.95 -3.11
CA LEU A 37 0.35 18.19 -2.50
C LEU A 37 -1.04 18.56 -3.02
N PRO A 38 -1.85 19.20 -2.21
CA PRO A 38 -3.14 19.68 -2.71
C PRO A 38 -2.95 20.91 -3.58
N VAL A 39 -3.65 20.91 -4.71
CA VAL A 39 -3.89 22.11 -5.51
C VAL A 39 -5.36 22.42 -5.29
N TYR A 40 -5.62 23.44 -4.46
CA TYR A 40 -6.92 23.76 -3.89
C TYR A 40 -7.46 22.61 -3.05
N ASP A 41 -8.40 21.80 -3.56
CA ASP A 41 -9.07 20.82 -2.71
C ASP A 41 -8.67 19.39 -2.99
N LYS A 42 -7.76 19.13 -3.92
CA LYS A 42 -7.49 17.75 -4.32
C LYS A 42 -6.00 17.53 -4.58
N PRO A 43 -5.53 16.29 -4.43
CA PRO A 43 -4.12 16.01 -4.70
C PRO A 43 -3.75 16.40 -6.14
N MET A 44 -2.53 16.89 -6.30
CA MET A 44 -2.08 17.35 -7.61
C MET A 44 -2.26 16.28 -8.69
N ILE A 45 -2.06 14.99 -8.34
CA ILE A 45 -2.10 13.93 -9.35
C ILE A 45 -3.49 13.81 -9.98
N TYR A 46 -4.54 14.23 -9.26
CA TYR A 46 -5.89 14.22 -9.86
C TYR A 46 -5.96 15.04 -11.16
N TYR A 47 -5.18 16.12 -11.27
CA TYR A 47 -5.31 16.98 -12.45
C TYR A 47 -4.78 16.31 -13.72
N PRO A 48 -3.51 15.88 -13.79
CA PRO A 48 -3.07 15.14 -14.98
C PRO A 48 -3.83 13.84 -15.21
N LEU A 49 -4.22 13.15 -14.13
CA LEU A 49 -5.05 11.96 -14.30
C LEU A 49 -6.37 12.30 -14.99
N SER A 50 -7.04 13.36 -14.54
CA SER A 50 -8.30 13.73 -15.16
C SER A 50 -8.11 14.15 -16.61
N THR A 51 -6.93 14.67 -16.95
CA THR A 51 -6.62 14.99 -18.34
C THR A 51 -6.63 13.75 -19.21
N LEU A 52 -5.98 12.67 -18.74
CA LEU A 52 -6.04 11.42 -19.49
C LEU A 52 -7.45 10.89 -19.58
N MET A 53 -8.22 11.01 -18.49
CA MET A 53 -9.59 10.51 -18.53
C MET A 53 -10.43 11.30 -19.55
N LEU A 54 -10.27 12.64 -19.58
CA LEU A 54 -11.03 13.47 -20.52
C LEU A 54 -10.76 13.07 -21.97
N ALA A 55 -9.52 12.65 -22.26
CA ALA A 55 -9.18 12.16 -23.59
C ALA A 55 -9.72 10.77 -23.88
N GLY A 56 -10.29 10.09 -22.89
CA GLY A 56 -10.88 8.79 -23.14
C GLY A 56 -10.08 7.58 -22.66
N MET A 57 -8.99 7.79 -21.96
CA MET A 57 -8.14 6.68 -21.53
C MET A 57 -8.58 6.15 -20.18
N ARG A 58 -8.90 4.86 -20.14
CA ARG A 58 -9.22 4.15 -18.92
C ARG A 58 -8.05 3.32 -18.38
N ASP A 59 -7.04 3.07 -19.22
CA ASP A 59 -5.86 2.33 -18.80
C ASP A 59 -4.73 3.33 -18.62
N VAL A 60 -4.23 3.44 -17.40
CA VAL A 60 -3.25 4.44 -17.04
C VAL A 60 -2.14 3.79 -16.21
N LEU A 61 -0.89 4.05 -16.60
CA LEU A 61 0.29 3.63 -15.86
C LEU A 61 0.83 4.85 -15.13
N VAL A 62 0.93 4.75 -13.81
CA VAL A 62 1.51 5.78 -12.97
C VAL A 62 2.96 5.37 -12.72
N ILE A 63 3.90 6.19 -13.18
CA ILE A 63 5.32 5.95 -12.97
C ILE A 63 5.79 6.91 -11.88
N SER A 64 6.43 6.37 -10.85
CA SER A 64 6.90 7.20 -9.75
C SER A 64 8.22 6.64 -9.22
N THR A 65 8.69 7.20 -8.10
CA THR A 65 9.91 6.75 -7.45
C THR A 65 9.68 5.50 -6.59
N PRO A 66 10.73 4.81 -6.21
CA PRO A 66 10.54 3.65 -5.29
C PRO A 66 9.81 4.06 -4.02
N GLN A 67 10.13 5.25 -3.50
CA GLN A 67 9.59 5.69 -2.24
C GLN A 67 8.16 6.20 -2.36
N ASP A 68 7.78 6.75 -3.50
CA ASP A 68 6.48 7.43 -3.61
C ASP A 68 5.40 6.58 -4.25
N THR A 69 5.81 5.61 -5.07
CA THR A 69 4.84 4.73 -5.73
C THR A 69 3.84 4.10 -4.76
N PRO A 70 4.22 3.63 -3.57
CA PRO A 70 3.18 3.09 -2.68
C PRO A 70 2.19 4.13 -2.20
N ARG A 71 2.63 5.39 -2.09
CA ARG A 71 1.72 6.43 -1.60
C ARG A 71 0.65 6.72 -2.66
N PHE A 72 1.05 6.73 -3.93
CA PHE A 72 0.06 6.84 -5.00
C PHE A 72 -0.84 5.62 -5.05
N GLN A 73 -0.28 4.42 -4.81
CA GLN A 73 -1.09 3.21 -4.81
C GLN A 73 -2.18 3.27 -3.75
N GLN A 74 -1.85 3.71 -2.53
CA GLN A 74 -2.86 3.87 -1.50
C GLN A 74 -3.90 4.94 -1.88
N LEU A 75 -3.46 6.01 -2.56
CA LEU A 75 -4.41 7.08 -2.90
C LEU A 75 -5.42 6.61 -3.95
N LEU A 76 -4.91 6.07 -5.05
CA LEU A 76 -5.71 5.79 -6.23
C LEU A 76 -6.16 4.34 -6.33
N GLY A 77 -5.49 3.41 -5.66
CA GLY A 77 -5.86 1.99 -5.80
C GLY A 77 -5.65 1.53 -7.23
N ASP A 78 -6.47 0.58 -7.66
CA ASP A 78 -6.41 0.06 -9.02
C ASP A 78 -7.32 0.82 -9.98
N GLY A 79 -8.01 1.86 -9.51
CA GLY A 79 -8.86 2.67 -10.36
C GLY A 79 -10.20 2.07 -10.68
N SER A 80 -10.47 0.83 -10.26
CA SER A 80 -11.76 0.22 -10.55
C SER A 80 -12.91 0.97 -9.89
N GLN A 81 -12.64 1.77 -8.84
CA GLN A 81 -13.70 2.61 -8.30
C GLN A 81 -14.21 3.63 -9.33
N TRP A 82 -13.40 3.95 -10.34
CA TRP A 82 -13.78 4.89 -11.40
C TRP A 82 -13.96 4.21 -12.74
N GLY A 83 -14.16 2.89 -12.74
CA GLY A 83 -14.23 2.17 -14.01
C GLY A 83 -12.94 2.19 -14.80
N MET A 84 -11.81 2.48 -14.16
CA MET A 84 -10.53 2.49 -14.85
CA MET A 84 -10.52 2.51 -14.83
C MET A 84 -9.68 1.32 -14.40
N ASN A 85 -8.55 1.16 -15.09
CA ASN A 85 -7.52 0.18 -14.75
C ASN A 85 -6.22 0.94 -14.55
N LEU A 86 -5.82 1.12 -13.30
CA LEU A 86 -4.58 1.81 -12.98
C LEU A 86 -3.50 0.79 -12.65
N GLN A 87 -2.33 0.94 -13.26
CA GLN A 87 -1.17 0.11 -12.98
CA GLN A 87 -1.15 0.12 -13.03
C GLN A 87 -0.01 1.00 -12.55
N TYR A 88 1.04 0.38 -12.00
CA TYR A 88 2.14 1.14 -11.44
C TYR A 88 3.49 0.59 -11.88
N ALA A 89 4.44 1.49 -12.09
CA ALA A 89 5.82 1.14 -12.38
C ALA A 89 6.70 2.23 -11.80
N VAL A 90 8.00 1.93 -11.72
CA VAL A 90 8.94 2.75 -10.97
C VAL A 90 10.04 3.25 -11.89
N GLN A 91 10.38 4.53 -11.72
CA GLN A 91 11.59 5.07 -12.31
C GLN A 91 12.61 5.24 -11.19
N PRO A 92 13.64 4.40 -11.12
CA PRO A 92 14.55 4.47 -9.96
C PRO A 92 15.42 5.71 -9.92
N SER A 93 15.75 6.31 -11.08
CA SER A 93 16.52 7.55 -11.10
C SER A 93 15.95 8.43 -12.21
N PRO A 94 15.88 9.81 -11.98
CA PRO A 94 15.21 10.73 -12.92
C PRO A 94 16.09 11.06 -14.12
N ASP A 95 16.09 10.14 -15.09
CA ASP A 95 17.03 10.18 -16.20
C ASP A 95 16.47 10.84 -17.44
N GLY A 96 15.15 10.91 -17.58
CA GLY A 96 14.57 11.61 -18.70
C GLY A 96 13.11 11.29 -18.85
N LEU A 97 12.32 12.22 -19.40
CA LEU A 97 10.92 11.90 -19.67
C LEU A 97 10.81 10.71 -20.59
N ALA A 98 11.74 10.58 -21.55
CA ALA A 98 11.65 9.53 -22.56
C ALA A 98 11.73 8.13 -21.95
N GLN A 99 12.32 8.01 -20.76
CA GLN A 99 12.35 6.73 -20.07
C GLN A 99 10.96 6.21 -19.73
N ALA A 100 9.94 7.08 -19.74
CA ALA A 100 8.59 6.61 -19.46
C ALA A 100 8.14 5.53 -20.43
N PHE A 101 8.54 5.66 -21.69
CA PHE A 101 8.14 4.66 -22.68
C PHE A 101 8.98 3.42 -22.60
N ILE A 102 10.19 3.52 -22.07
CA ILE A 102 10.99 2.32 -21.82
C ILE A 102 10.43 1.58 -20.62
N ILE A 103 10.21 2.28 -19.51
CA ILE A 103 9.57 1.64 -18.36
C ILE A 103 8.18 1.16 -18.75
N GLY A 104 7.49 1.92 -19.58
CA GLY A 104 6.12 1.56 -19.90
C GLY A 104 5.93 0.65 -21.09
N GLU A 105 6.99 -0.02 -21.55
CA GLU A 105 6.89 -0.78 -22.79
C GLU A 105 5.88 -1.94 -22.69
N GLN A 106 5.90 -2.69 -21.58
CA GLN A 106 4.99 -3.85 -21.52
C GLN A 106 3.54 -3.40 -21.34
N PHE A 107 3.33 -2.34 -20.56
CA PHE A 107 1.99 -1.78 -20.41
C PHE A 107 1.45 -1.28 -21.75
N ILE A 108 2.28 -0.58 -22.53
CA ILE A 108 1.82 -0.02 -23.81
C ILE A 108 1.49 -1.14 -24.81
N GLY A 109 2.36 -2.13 -24.92
CA GLY A 109 2.14 -3.16 -25.94
C GLY A 109 2.25 -2.56 -27.34
N ASN A 110 1.30 -2.92 -28.19
CA ASN A 110 1.23 -2.40 -29.55
C ASN A 110 0.11 -1.38 -29.73
N ALA A 111 -0.20 -0.65 -28.70
CA ALA A 111 -1.27 0.36 -28.72
C ALA A 111 -0.69 1.76 -28.88
N PRO A 112 -1.48 2.71 -29.36
CA PRO A 112 -1.11 4.12 -29.22
C PRO A 112 -1.07 4.51 -27.75
N SER A 113 -0.32 5.57 -27.45
CA SER A 113 -0.10 5.95 -26.06
C SER A 113 -0.17 7.46 -25.91
N ALA A 114 -0.14 7.89 -24.65
CA ALA A 114 -0.07 9.29 -24.27
C ALA A 114 0.72 9.39 -22.98
N LEU A 115 1.49 10.45 -22.85
CA LEU A 115 2.23 10.74 -21.63
C LEU A 115 1.84 12.13 -21.13
N VAL A 116 1.52 12.22 -19.84
CA VAL A 116 1.32 13.51 -19.17
C VAL A 116 2.21 13.52 -17.94
N LEU A 117 2.75 14.69 -17.61
CA LEU A 117 3.59 14.84 -16.43
C LEU A 117 2.72 15.05 -15.19
N GLY A 118 3.16 14.50 -14.06
CA GLY A 118 2.38 14.50 -12.83
C GLY A 118 2.12 15.88 -12.24
N ASP A 119 2.82 16.91 -12.69
CA ASP A 119 2.63 18.24 -12.14
C ASP A 119 2.04 19.20 -13.18
N ASN A 120 1.45 18.67 -14.24
CA ASN A 120 0.85 19.49 -15.29
C ASN A 120 -0.65 19.61 -15.06
N ILE A 121 -1.09 20.85 -14.86
CA ILE A 121 -2.49 21.20 -14.61
C ILE A 121 -2.97 22.03 -15.79
N TYR A 122 -3.96 21.51 -16.51
CA TYR A 122 -4.58 22.19 -17.64
C TYR A 122 -6.04 22.53 -17.31
N TYR A 123 -6.50 23.63 -17.91
CA TYR A 123 -7.90 23.98 -17.97
C TYR A 123 -8.18 24.67 -19.29
N GLY A 124 -9.31 24.31 -19.89
CA GLY A 124 -9.86 24.98 -21.05
C GLY A 124 -11.29 24.54 -21.30
N HIS A 125 -12.16 25.48 -21.68
CA HIS A 125 -13.54 25.16 -21.95
C HIS A 125 -13.67 24.12 -23.06
N ASP A 126 -12.82 24.20 -24.08
CA ASP A 126 -12.81 23.29 -25.22
C ASP A 126 -11.69 22.24 -25.13
N PHE A 127 -11.12 22.04 -23.94
CA PHE A 127 -9.98 21.13 -23.80
C PHE A 127 -10.35 19.70 -24.21
N GLN A 128 -11.53 19.22 -23.81
CA GLN A 128 -11.91 17.85 -24.16
C GLN A 128 -12.00 17.63 -25.66
N PRO A 129 -12.69 18.47 -26.45
CA PRO A 129 -12.60 18.29 -27.92
C PRO A 129 -11.18 18.35 -28.43
N LEU A 130 -10.33 19.17 -27.83
CA LEU A 130 -8.93 19.20 -28.25
C LEU A 130 -8.23 17.86 -27.96
N LEU A 131 -8.49 17.27 -26.79
CA LEU A 131 -7.91 15.95 -26.45
C LEU A 131 -8.45 14.86 -27.37
N LYS A 132 -9.76 14.87 -27.62
CA LYS A 132 -10.36 13.86 -28.48
C LYS A 132 -9.78 13.92 -29.88
N ALA A 133 -9.49 15.12 -30.38
CA ALA A 133 -8.88 15.27 -31.69
C ALA A 133 -7.47 14.71 -31.71
N ALA A 134 -6.68 14.97 -30.69
CA ALA A 134 -5.35 14.39 -30.63
C ALA A 134 -5.43 12.86 -30.56
N ASP A 135 -6.41 12.34 -29.82
CA ASP A 135 -6.58 10.89 -29.76
C ASP A 135 -6.98 10.31 -31.10
N ALA A 136 -7.71 11.08 -31.92
CA ALA A 136 -8.22 10.57 -33.19
C ALA A 136 -7.18 10.59 -34.31
N GLN A 137 -6.05 11.27 -34.14
CA GLN A 137 -5.00 11.21 -35.14
C GLN A 137 -4.52 9.75 -35.28
N SER A 138 -4.52 9.24 -36.50
CA SER A 138 -4.20 7.83 -36.71
C SER A 138 -2.70 7.54 -36.56
N SER A 139 -1.86 8.50 -36.87
CA SER A 139 -0.43 8.24 -36.91
C SER A 139 0.34 9.45 -36.41
N GLY A 140 1.63 9.24 -36.18
CA GLY A 140 2.48 10.35 -35.81
C GLY A 140 2.33 10.67 -34.34
N ALA A 141 2.60 11.94 -34.02
CA ALA A 141 2.59 12.41 -32.65
C ALA A 141 1.90 13.76 -32.59
N THR A 142 1.37 14.08 -31.42
CA THR A 142 0.76 15.38 -31.19
C THR A 142 1.33 15.95 -29.90
N VAL A 143 1.85 17.18 -29.99
CA VAL A 143 2.26 17.99 -28.85
C VAL A 143 1.32 19.19 -28.74
N PHE A 144 1.32 19.82 -27.56
CA PHE A 144 0.43 20.93 -27.26
C PHE A 144 1.26 22.18 -27.01
N ALA A 145 0.98 23.24 -27.77
CA ALA A 145 1.75 24.47 -27.70
C ALA A 145 1.02 25.54 -26.89
N TYR A 146 1.77 26.22 -26.02
CA TYR A 146 1.23 27.21 -25.09
C TYR A 146 2.14 28.43 -25.07
N HIS A 147 1.55 29.62 -25.18
CA HIS A 147 2.32 30.86 -25.21
C HIS A 147 2.86 31.22 -23.83
N VAL A 148 4.17 31.42 -23.75
CA VAL A 148 4.80 31.84 -22.50
C VAL A 148 5.65 33.09 -22.74
N HIS A 149 5.88 33.83 -21.67
CA HIS A 149 6.73 35.01 -21.74
C HIS A 149 8.22 34.69 -21.61
N ASP A 150 8.57 33.46 -21.21
CA ASP A 150 9.96 33.06 -21.00
C ASP A 150 10.21 31.72 -21.67
N PRO A 151 10.21 31.67 -23.00
CA PRO A 151 10.35 30.37 -23.68
C PRO A 151 11.66 29.67 -23.39
N GLU A 152 12.67 30.43 -22.97
CA GLU A 152 13.99 29.88 -22.70
C GLU A 152 13.97 28.78 -21.65
N ARG A 153 12.92 28.72 -20.82
CA ARG A 153 12.86 27.71 -19.76
C ARG A 153 12.16 26.43 -20.19
N TYR A 154 11.62 26.37 -21.40
CA TYR A 154 10.79 25.26 -21.86
C TYR A 154 11.37 24.67 -23.15
N GLY A 155 10.69 23.61 -23.63
CA GLY A 155 10.83 23.19 -25.00
C GLY A 155 10.01 24.12 -25.87
N VAL A 156 10.60 24.60 -26.96
CA VAL A 156 9.99 25.61 -27.85
C VAL A 156 9.75 24.99 -29.22
N VAL A 157 8.57 25.24 -29.80
CA VAL A 157 8.18 24.72 -31.12
C VAL A 157 7.78 25.86 -32.07
N GLN A 158 8.20 25.76 -33.35
CA GLN A 158 7.68 26.56 -34.46
C GLN A 158 6.85 25.69 -35.41
N PHE A 159 5.67 26.17 -35.81
CA PHE A 159 4.77 25.36 -36.64
C PHE A 159 4.13 26.20 -37.74
N ASN A 160 3.66 25.51 -38.80
CA ASN A 160 3.30 26.11 -40.08
C ASN A 160 1.82 26.47 -40.26
N ALA A 161 1.03 26.55 -39.17
CA ALA A 161 -0.40 26.87 -39.23
C ALA A 161 -1.26 25.69 -39.70
N GLN A 162 -0.66 24.74 -40.43
CA GLN A 162 -1.36 23.50 -40.77
C GLN A 162 -1.20 22.46 -39.66
N GLY A 163 -0.59 22.86 -38.55
CA GLY A 163 -0.30 22.00 -37.42
C GLY A 163 0.98 21.23 -37.51
N GLN A 164 1.86 21.55 -38.47
CA GLN A 164 3.12 20.83 -38.66
C GLN A 164 4.28 21.65 -38.09
N ALA A 165 5.07 21.02 -37.23
CA ALA A 165 6.20 21.69 -36.59
C ALA A 165 7.33 21.91 -37.60
N VAL A 166 8.03 23.05 -37.46
CA VAL A 166 9.16 23.35 -38.33
C VAL A 166 10.45 23.14 -37.54
N SER A 167 10.41 23.41 -36.23
CA SER A 167 11.55 23.13 -35.36
C SER A 167 11.05 22.95 -33.93
N ILE A 168 11.81 22.20 -33.14
CA ILE A 168 11.51 22.04 -31.73
C ILE A 168 12.82 21.94 -30.94
N GLU A 169 13.04 22.85 -29.99
CA GLU A 169 14.31 22.96 -29.27
C GLU A 169 14.09 22.92 -27.76
N GLU A 170 15.00 22.23 -27.05
CA GLU A 170 14.90 22.11 -25.59
C GLU A 170 15.69 23.22 -24.90
N LYS A 171 14.99 24.04 -24.13
CA LYS A 171 15.54 25.18 -23.40
C LYS A 171 16.52 26.00 -24.25
N PRO A 172 16.06 26.60 -25.35
CA PRO A 172 16.96 27.33 -26.25
C PRO A 172 17.37 28.69 -25.71
N LYS A 173 18.42 29.25 -26.33
CA LYS A 173 19.18 30.30 -25.67
C LYS A 173 18.56 31.70 -25.80
N ALA A 174 18.19 32.23 -26.99
CA ALA A 174 17.97 31.79 -28.40
C ALA A 174 16.64 31.09 -28.77
N PRO A 175 15.49 31.46 -28.16
CA PRO A 175 14.24 30.77 -28.49
C PRO A 175 13.65 31.28 -29.81
N LYS A 176 13.27 30.34 -30.67
CA LYS A 176 12.76 30.69 -32.00
C LYS A 176 11.28 31.05 -32.01
N SER A 177 10.58 30.90 -30.89
CA SER A 177 9.17 31.30 -30.81
C SER A 177 8.85 31.49 -29.33
N ASN A 178 7.60 31.88 -29.07
CA ASN A 178 7.11 32.00 -27.71
C ASN A 178 6.21 30.85 -27.29
N TYR A 179 6.22 29.77 -28.04
CA TYR A 179 5.28 28.68 -27.80
C TYR A 179 6.05 27.55 -27.13
N ALA A 180 5.70 27.31 -25.88
CA ALA A 180 6.28 26.21 -25.10
C ALA A 180 5.55 24.92 -25.41
N VAL A 181 6.30 23.83 -25.51
CA VAL A 181 5.72 22.49 -25.60
C VAL A 181 5.36 22.05 -24.19
N THR A 182 4.06 21.78 -23.93
CA THR A 182 3.66 21.42 -22.58
C THR A 182 3.89 19.93 -22.34
N GLY A 183 3.66 19.49 -21.10
CA GLY A 183 3.93 18.12 -20.70
C GLY A 183 2.78 17.17 -20.99
N LEU A 184 2.35 17.14 -22.24
CA LEU A 184 1.26 16.29 -22.71
C LEU A 184 1.60 15.85 -24.13
N TYR A 185 1.70 14.53 -24.35
CA TYR A 185 2.20 14.02 -25.62
C TYR A 185 1.37 12.82 -26.05
N PHE A 186 0.96 12.81 -27.32
CA PHE A 186 0.24 11.68 -27.89
C PHE A 186 1.11 11.02 -28.95
N TYR A 187 1.11 9.69 -29.00
CA TYR A 187 2.01 8.98 -29.90
C TYR A 187 1.34 7.74 -30.49
N ASP A 188 1.78 7.39 -31.70
CA ASP A 188 1.39 6.12 -32.29
C ASP A 188 2.34 5.03 -31.80
N GLN A 189 2.40 3.90 -32.51
CA GLN A 189 3.12 2.71 -32.07
C GLN A 189 4.63 2.82 -32.22
N GLN A 190 5.15 3.92 -32.78
CA GLN A 190 6.58 4.03 -33.02
C GLN A 190 7.35 4.51 -31.80
N VAL A 191 6.67 5.05 -30.78
CA VAL A 191 7.39 5.85 -29.80
C VAL A 191 8.31 4.98 -28.93
N VAL A 192 7.90 3.74 -28.61
CA VAL A 192 8.73 2.92 -27.74
C VAL A 192 10.12 2.71 -28.35
N ASP A 193 10.17 2.32 -29.62
CA ASP A 193 11.45 2.12 -30.26
C ASP A 193 12.22 3.43 -30.43
N ILE A 194 11.50 4.53 -30.70
CA ILE A 194 12.18 5.82 -30.76
C ILE A 194 12.75 6.17 -29.40
N ALA A 195 11.95 6.01 -28.34
CA ALA A 195 12.44 6.32 -27.00
C ALA A 195 13.65 5.46 -26.65
N LYS A 196 13.64 4.18 -27.04
CA LYS A 196 14.79 3.34 -26.75
C LYS A 196 16.05 3.81 -27.48
N ALA A 197 15.91 4.47 -28.62
CA ALA A 197 17.08 4.96 -29.36
C ALA A 197 17.51 6.35 -28.96
N VAL A 198 16.85 6.99 -27.99
CA VAL A 198 17.21 8.33 -27.58
C VAL A 198 18.53 8.29 -26.80
N LYS A 199 19.49 9.16 -27.19
CA LYS A 199 20.76 9.37 -26.51
C LYS A 199 20.69 10.56 -25.56
N PRO A 200 21.47 10.56 -24.49
CA PRO A 200 21.42 11.69 -23.53
C PRO A 200 21.77 13.00 -24.19
N SER A 201 20.98 14.03 -23.87
CA SER A 201 21.11 15.33 -24.50
C SER A 201 22.33 16.09 -23.96
N ALA A 202 22.47 17.33 -24.41
CA ALA A 202 23.58 18.14 -23.90
C ALA A 202 23.43 18.41 -22.42
N ARG A 203 22.23 18.27 -21.87
CA ARG A 203 22.02 18.42 -20.44
C ARG A 203 21.98 17.07 -19.73
N GLY A 204 22.40 16.00 -20.41
CA GLY A 204 22.49 14.67 -19.81
C GLY A 204 21.17 13.98 -19.55
N GLU A 205 20.09 14.37 -20.22
CA GLU A 205 18.77 13.81 -19.99
C GLU A 205 18.31 13.06 -21.24
N LEU A 206 17.53 12.00 -21.02
CA LEU A 206 16.87 11.29 -22.12
C LEU A 206 15.58 12.07 -22.38
N GLU A 207 15.69 13.07 -23.24
CA GLU A 207 14.67 14.10 -23.39
C GLU A 207 13.50 13.67 -24.24
N ILE A 208 12.31 14.12 -23.85
CA ILE A 208 11.13 13.91 -24.68
C ILE A 208 11.24 14.73 -25.96
N THR A 209 11.97 15.85 -25.90
CA THR A 209 12.19 16.67 -27.10
C THR A 209 12.94 15.87 -28.17
N SER A 210 13.82 14.95 -27.77
CA SER A 210 14.48 14.10 -28.76
C SER A 210 13.47 13.23 -29.48
N VAL A 211 12.51 12.68 -28.72
CA VAL A 211 11.44 11.86 -29.32
C VAL A 211 10.64 12.68 -30.31
N ASN A 212 10.23 13.88 -29.89
CA ASN A 212 9.45 14.75 -30.77
C ASN A 212 10.25 15.22 -31.98
N GLN A 213 11.58 15.39 -31.83
CA GLN A 213 12.41 15.72 -32.99
C GLN A 213 12.41 14.58 -33.99
N ALA A 214 12.39 13.34 -33.52
CA ALA A 214 12.35 12.20 -34.43
C ALA A 214 11.06 12.22 -35.24
N TYR A 215 9.93 12.46 -34.56
CA TYR A 215 8.66 12.53 -35.28
C TYR A 215 8.64 13.67 -36.28
N MET A 216 9.22 14.82 -35.91
CA MET A 216 9.20 15.99 -36.79
C MET A 216 10.00 15.75 -38.06
N GLN A 217 11.17 15.09 -37.94
CA GLN A 217 11.99 14.83 -39.11
C GLN A 217 11.30 13.91 -40.10
N GLN A 218 10.40 13.07 -39.63
CA GLN A 218 9.56 12.27 -40.52
C GLN A 218 8.34 13.04 -41.01
N GLY A 219 8.17 14.31 -40.65
CA GLY A 219 6.95 15.01 -41.01
C GLY A 219 5.72 14.48 -40.32
N GLN A 220 5.88 13.94 -39.10
CA GLN A 220 4.78 13.32 -38.38
C GLN A 220 4.55 13.94 -37.01
N LEU A 221 5.02 15.17 -36.79
CA LEU A 221 4.80 15.87 -35.53
C LEU A 221 3.71 16.92 -35.75
N ASN A 222 2.55 16.71 -35.13
CA ASN A 222 1.47 17.67 -35.19
C ASN A 222 1.42 18.49 -33.91
N VAL A 223 0.91 19.71 -34.04
CA VAL A 223 0.90 20.67 -32.93
C VAL A 223 -0.53 21.17 -32.77
N GLN A 224 -1.07 21.02 -31.57
CA GLN A 224 -2.34 21.60 -31.18
C GLN A 224 -2.04 22.84 -30.34
N THR A 225 -2.73 23.93 -30.64
CA THR A 225 -2.50 25.18 -29.94
C THR A 225 -3.52 25.32 -28.82
N MET A 226 -3.03 25.61 -27.63
CA MET A 226 -3.89 25.94 -26.50
C MET A 226 -3.69 27.44 -26.41
N GLY A 227 -4.56 28.20 -27.08
CA GLY A 227 -4.40 29.63 -27.10
C GLY A 227 -5.30 30.34 -26.12
N ARG A 228 -5.99 31.36 -26.58
CA ARG A 228 -6.82 32.19 -25.71
C ARG A 228 -7.86 31.32 -25.00
N GLY A 229 -7.96 31.51 -23.68
CA GLY A 229 -8.88 30.77 -22.85
C GLY A 229 -8.26 29.59 -22.11
N TYR A 230 -7.08 29.13 -22.50
CA TYR A 230 -6.47 27.96 -21.89
C TYR A 230 -5.52 28.38 -20.80
N ALA A 231 -5.49 27.61 -19.73
CA ALA A 231 -4.52 27.77 -18.65
C ALA A 231 -3.64 26.53 -18.58
N TRP A 232 -2.36 26.78 -18.42
CA TRP A 232 -1.37 25.75 -18.12
C TRP A 232 -0.61 26.29 -16.93
N LEU A 233 -0.86 25.69 -15.76
CA LEU A 233 -0.43 26.26 -14.50
C LEU A 233 1.00 25.86 -14.21
N ASP A 234 1.80 26.83 -13.77
CA ASP A 234 3.12 26.54 -13.29
C ASP A 234 3.02 26.04 -11.86
N THR A 235 3.54 24.84 -11.60
CA THR A 235 3.62 24.26 -10.27
C THR A 235 5.06 24.20 -9.76
N GLY A 236 5.94 25.06 -10.30
CA GLY A 236 7.35 24.91 -9.97
C GLY A 236 7.75 25.46 -8.63
N THR A 237 7.11 26.56 -8.19
CA THR A 237 7.52 27.24 -6.97
C THR A 237 6.34 27.36 -6.02
N HIS A 238 6.64 27.75 -4.79
CA HIS A 238 5.58 27.99 -3.83
C HIS A 238 4.63 29.09 -4.30
N ASP A 239 5.17 30.21 -4.83
CA ASP A 239 4.32 31.30 -5.34
C ASP A 239 3.45 30.79 -6.46
N SER A 240 4.05 30.04 -7.37
CA SER A 240 3.33 29.55 -8.52
C SER A 240 2.30 28.50 -8.11
N LEU A 241 2.60 27.69 -7.08
CA LEU A 241 1.64 26.70 -6.58
C LEU A 241 0.43 27.38 -5.95
N LEU A 242 0.67 28.47 -5.21
CA LEU A 242 -0.40 29.23 -4.61
C LEU A 242 -1.26 29.89 -5.68
N ASP A 243 -0.62 30.43 -6.74
CA ASP A 243 -1.38 30.94 -7.89
C ASP A 243 -2.25 29.85 -8.50
N ALA A 244 -1.73 28.63 -8.61
CA ALA A 244 -2.52 27.52 -9.14
C ALA A 244 -3.73 27.23 -8.28
N SER A 245 -3.55 27.21 -6.95
CA SER A 245 -4.70 26.97 -6.08
C SER A 245 -5.71 28.09 -6.18
N GLN A 246 -5.24 29.35 -6.18
CA GLN A 246 -6.16 30.47 -6.31
C GLN A 246 -6.98 30.34 -7.59
N PHE A 247 -6.34 29.95 -8.69
CA PHE A 247 -7.04 29.81 -9.95
C PHE A 247 -8.13 28.74 -9.89
N ILE A 248 -7.79 27.53 -9.40
CA ILE A 248 -8.79 26.47 -9.31
C ILE A 248 -9.94 26.90 -8.40
N ALA A 249 -9.61 27.52 -7.26
CA ALA A 249 -10.65 27.98 -6.34
C ALA A 249 -11.54 29.03 -6.98
N THR A 250 -10.96 29.90 -7.80
CA THR A 250 -11.76 30.94 -8.44
C THR A 250 -12.78 30.34 -9.39
N LEU A 251 -12.33 29.42 -10.26
CA LEU A 251 -13.27 28.79 -11.17
C LEU A 251 -14.37 28.05 -10.42
N GLU A 252 -14.02 27.37 -9.32
CA GLU A 252 -15.03 26.56 -8.64
C GLU A 252 -15.96 27.44 -7.78
N ASN A 253 -15.43 28.46 -7.12
CA ASN A 253 -16.27 29.29 -6.25
C ASN A 253 -17.01 30.39 -7.00
N ARG A 254 -16.42 30.96 -8.05
CA ARG A 254 -17.00 32.08 -8.80
C ARG A 254 -17.83 31.62 -10.00
N GLN A 255 -17.39 30.60 -10.69
CA GLN A 255 -18.02 30.18 -11.94
C GLN A 255 -18.73 28.84 -11.80
N GLY A 256 -18.78 28.27 -10.60
CA GLY A 256 -19.42 26.98 -10.42
C GLY A 256 -18.84 25.90 -11.32
N LEU A 257 -17.55 25.93 -11.58
CA LEU A 257 -16.95 24.91 -12.43
C LEU A 257 -16.19 23.93 -11.55
N LYS A 258 -15.99 22.71 -12.05
CA LYS A 258 -15.23 21.68 -11.35
C LYS A 258 -14.09 21.24 -12.25
N VAL A 259 -12.88 21.44 -11.79
CA VAL A 259 -11.68 21.00 -12.50
C VAL A 259 -11.17 19.70 -11.89
N ALA A 260 -10.98 18.70 -12.74
CA ALA A 260 -10.27 17.47 -12.37
C ALA A 260 -10.96 16.70 -11.25
N CYS A 261 -12.22 16.41 -11.44
CA CYS A 261 -12.91 15.54 -10.49
C CYS A 261 -13.06 14.19 -11.17
N PRO A 262 -12.20 13.20 -10.86
CA PRO A 262 -12.30 11.92 -11.58
C PRO A 262 -13.66 11.25 -11.43
N GLU A 263 -14.29 11.37 -10.25
CA GLU A 263 -15.61 10.76 -10.08
C GLU A 263 -16.60 11.29 -11.08
N GLU A 264 -16.62 12.62 -11.28
CA GLU A 264 -17.52 13.24 -12.23
C GLU A 264 -17.22 12.79 -13.65
N ILE A 265 -15.95 12.82 -14.03
CA ILE A 265 -15.58 12.46 -15.39
C ILE A 265 -15.93 11.01 -15.67
N ALA A 266 -15.63 10.11 -14.72
CA ALA A 266 -15.96 8.70 -14.92
C ALA A 266 -17.45 8.50 -15.11
N TRP A 267 -18.26 9.22 -14.31
CA TRP A 267 -19.70 9.04 -14.44
C TRP A 267 -20.23 9.59 -15.75
N ARG A 268 -19.85 10.83 -16.09
CA ARG A 268 -20.34 11.42 -17.34
C ARG A 268 -19.84 10.64 -18.55
N SER A 269 -18.70 9.97 -18.43
CA SER A 269 -18.19 9.14 -19.52
C SER A 269 -18.86 7.78 -19.57
N GLY A 270 -19.72 7.46 -18.60
CA GLY A 270 -20.38 6.17 -18.61
C GLY A 270 -19.56 5.04 -18.06
N TRP A 271 -18.42 5.32 -17.43
CA TRP A 271 -17.55 4.29 -16.88
C TRP A 271 -18.08 3.73 -15.57
N ILE A 272 -18.86 4.52 -14.85
CA ILE A 272 -19.62 4.07 -13.70
C ILE A 272 -21.04 4.63 -13.84
N ASN A 273 -21.99 3.99 -13.19
CA ASN A 273 -23.36 4.46 -13.21
C ASN A 273 -23.63 5.31 -11.98
N ALA A 274 -24.85 5.85 -11.90
CA ALA A 274 -25.20 6.74 -10.80
C ALA A 274 -25.20 6.00 -9.47
N SER A 275 -25.51 4.70 -9.47
CA SER A 275 -25.46 3.93 -8.23
C SER A 275 -24.03 3.81 -7.72
N GLN A 276 -23.09 3.52 -8.62
CA GLN A 276 -21.70 3.45 -8.22
C GLN A 276 -21.18 4.79 -7.74
N LEU A 277 -21.62 5.89 -8.36
CA LEU A 277 -21.18 7.22 -7.97
C LEU A 277 -21.74 7.62 -6.61
N GLU A 278 -23.02 7.35 -6.35
CA GLU A 278 -23.57 7.69 -5.04
C GLU A 278 -22.90 6.89 -3.93
N ALA A 279 -22.44 5.68 -4.23
CA ALA A 279 -21.69 4.91 -3.23
C ALA A 279 -20.34 5.55 -2.92
N LEU A 280 -19.72 6.19 -3.92
CA LEU A 280 -18.44 6.88 -3.67
C LEU A 280 -18.62 8.11 -2.78
N VAL A 281 -19.80 8.74 -2.80
CA VAL A 281 -20.00 9.99 -2.06
C VAL A 281 -20.24 9.75 -0.57
N GLN A 282 -20.67 8.54 -0.18
CA GLN A 282 -21.01 8.30 1.22
C GLN A 282 -19.88 8.63 2.20
N PRO A 283 -18.60 8.30 1.93
CA PRO A 283 -17.52 8.74 2.83
C PRO A 283 -17.11 10.19 2.65
N LEU A 284 -17.56 10.88 1.60
CA LEU A 284 -17.13 12.24 1.31
C LEU A 284 -18.24 13.27 1.56
N THR A 285 -19.29 12.86 2.29
CA THR A 285 -20.48 13.69 2.44
C THR A 285 -20.21 14.96 3.25
N LYS A 286 -19.10 15.00 3.99
CA LYS A 286 -18.88 16.10 4.92
C LYS A 286 -18.48 17.40 4.24
N ASN A 287 -17.88 17.33 3.05
CA ASN A 287 -17.27 18.50 2.43
C ASN A 287 -18.02 18.94 1.17
N GLY A 288 -17.56 20.05 0.60
CA GLY A 288 -18.16 20.57 -0.61
C GLY A 288 -17.83 19.75 -1.84
N TYR A 289 -16.74 19.00 -1.79
CA TYR A 289 -16.39 18.12 -2.89
C TYR A 289 -17.47 17.06 -3.08
N GLY A 290 -17.90 16.45 -1.98
CA GLY A 290 -18.94 15.43 -2.06
C GLY A 290 -20.31 16.02 -2.32
N GLN A 291 -20.60 17.20 -1.74
CA GLN A 291 -21.89 17.82 -2.02
C GLN A 291 -22.03 18.16 -3.50
N TYR A 292 -20.92 18.51 -4.17
CA TYR A 292 -20.97 18.72 -5.60
C TYR A 292 -21.41 17.47 -6.33
N LEU A 293 -20.82 16.32 -5.97
CA LEU A 293 -21.23 15.05 -6.56
C LEU A 293 -22.69 14.74 -6.24
N MET A 294 -23.16 15.15 -5.07
CA MET A 294 -24.59 15.01 -4.78
C MET A 294 -25.42 15.95 -5.66
N GLN A 295 -24.96 17.19 -5.85
CA GLN A 295 -25.73 18.17 -6.61
C GLN A 295 -25.88 17.74 -8.07
N ILE A 296 -24.82 17.19 -8.67
CA ILE A 296 -24.93 16.74 -10.06
C ILE A 296 -25.69 15.42 -10.18
N LEU A 297 -25.75 14.63 -9.10
CA LEU A 297 -26.56 13.42 -9.16
C LEU A 297 -28.05 13.77 -9.21
N LYS A 298 -28.47 14.84 -8.53
CA LYS A 298 -29.87 15.30 -8.54
C LYS A 298 -30.07 16.49 -9.48
N GLN B 11 12.69 24.61 33.57
CA GLN B 11 12.24 25.14 32.29
C GLN B 11 10.98 24.42 31.81
N ARG B 12 10.18 25.17 31.05
CA ARG B 12 8.90 24.68 30.58
C ARG B 12 9.07 23.75 29.38
N LYS B 13 8.24 22.72 29.33
CA LYS B 13 8.27 21.73 28.25
C LYS B 13 6.95 21.78 27.50
N GLY B 14 7.03 21.66 26.17
CA GLY B 14 5.87 21.88 25.33
C GLY B 14 5.31 20.62 24.69
N ILE B 15 4.00 20.64 24.43
CA ILE B 15 3.31 19.56 23.75
C ILE B 15 2.57 20.14 22.54
N ILE B 16 2.69 19.47 21.40
CA ILE B 16 1.83 19.70 20.24
C ILE B 16 0.93 18.48 20.11
N LEU B 17 -0.38 18.71 20.17
CA LEU B 17 -1.41 17.70 19.91
C LEU B 17 -1.93 17.86 18.48
N ALA B 18 -1.61 16.91 17.61
CA ALA B 18 -2.01 16.95 16.22
C ALA B 18 -3.05 15.84 16.03
N GLY B 19 -4.33 16.24 16.03
CA GLY B 19 -5.39 15.26 16.02
C GLY B 19 -5.87 14.86 14.64
N GLY B 20 -6.84 13.95 14.65
CA GLY B 20 -7.43 13.35 13.48
C GLY B 20 -7.82 14.37 12.44
N SER B 21 -7.48 14.11 11.18
CA SER B 21 -7.73 15.09 10.13
C SER B 21 -9.20 15.22 9.77
N GLY B 22 -10.03 14.20 10.02
CA GLY B 22 -11.43 14.33 9.62
C GLY B 22 -11.60 14.17 8.12
N THR B 23 -12.79 13.75 7.67
CA THR B 23 -13.04 13.79 6.23
C THR B 23 -13.32 15.19 5.71
N ARG B 24 -13.24 16.23 6.55
CA ARG B 24 -13.65 17.56 6.13
C ARG B 24 -12.81 18.11 4.99
N LEU B 25 -11.53 17.72 4.92
CA LEU B 25 -10.63 18.21 3.89
C LEU B 25 -10.36 17.22 2.77
N HIS B 26 -11.11 16.12 2.70
CA HIS B 26 -11.00 15.20 1.58
C HIS B 26 -11.37 15.91 0.28
N PRO B 27 -10.79 15.48 -0.86
CA PRO B 27 -9.85 14.35 -0.96
C PRO B 27 -8.39 14.74 -0.73
N ALA B 28 -8.10 16.05 -0.51
CA ALA B 28 -6.72 16.45 -0.27
C ALA B 28 -6.08 15.66 0.88
N THR B 29 -6.84 15.39 1.94
CA THR B 29 -6.26 14.73 3.09
C THR B 29 -6.35 13.22 2.99
N LEU B 30 -6.82 12.69 1.87
CA LEU B 30 -6.65 11.28 1.56
C LEU B 30 -5.16 10.96 1.42
N ALA B 31 -4.38 11.91 0.90
CA ALA B 31 -2.96 11.70 0.63
C ALA B 31 -2.05 12.07 1.80
N ILE B 32 -2.39 13.10 2.56
CA ILE B 32 -1.57 13.64 3.62
C ILE B 32 -2.47 13.98 4.80
N SER B 33 -1.93 13.88 6.02
CA SER B 33 -2.68 14.33 7.17
C SER B 33 -2.81 15.85 7.15
N LYS B 34 -3.88 16.35 7.78
CA LYS B 34 -4.17 17.78 7.74
C LYS B 34 -2.99 18.60 8.23
N GLN B 35 -2.39 18.21 9.36
CA GLN B 35 -1.33 19.02 9.94
C GLN B 35 -0.01 18.87 9.20
N LEU B 36 0.03 18.09 8.13
CA LEU B 36 1.18 18.10 7.23
C LEU B 36 0.92 18.87 5.94
N LEU B 37 -0.32 19.33 5.71
CA LEU B 37 -0.57 20.11 4.51
C LEU B 37 0.27 21.38 4.52
N PRO B 38 0.70 21.86 3.35
CA PRO B 38 1.48 23.10 3.33
C PRO B 38 0.58 24.31 3.52
N VAL B 39 1.00 25.21 4.40
CA VAL B 39 0.45 26.56 4.50
C VAL B 39 1.49 27.47 3.88
N TYR B 40 1.21 27.93 2.64
CA TYR B 40 2.17 28.57 1.74
C TYR B 40 3.37 27.67 1.46
N ASP B 41 4.51 27.90 2.11
CA ASP B 41 5.72 27.17 1.76
C ASP B 41 6.18 26.16 2.81
N LYS B 42 5.43 25.96 3.90
CA LYS B 42 5.92 25.10 4.96
C LYS B 42 4.78 24.26 5.54
N PRO B 43 5.10 23.05 6.03
CA PRO B 43 4.07 22.18 6.62
C PRO B 43 3.36 22.87 7.77
N MET B 44 2.06 22.61 7.90
CA MET B 44 1.26 23.28 8.92
C MET B 44 1.89 23.16 10.31
N ILE B 45 2.50 22.01 10.62
CA ILE B 45 2.98 21.74 11.97
C ILE B 45 4.11 22.69 12.34
N TYR B 46 4.83 23.23 11.36
CA TYR B 46 5.83 24.25 11.65
C TYR B 46 5.24 25.44 12.42
N TYR B 47 3.98 25.79 12.17
CA TYR B 47 3.45 26.99 12.80
C TYR B 47 3.22 26.79 14.29
N PRO B 48 2.43 25.81 14.75
CA PRO B 48 2.38 25.58 16.20
C PRO B 48 3.72 25.25 16.81
N LEU B 49 4.60 24.57 16.08
CA LEU B 49 5.93 24.29 16.64
C LEU B 49 6.70 25.58 16.93
N SER B 50 6.75 26.47 15.94
CA SER B 50 7.50 27.71 16.11
C SER B 50 6.90 28.57 17.22
N THR B 51 5.59 28.43 17.48
CA THR B 51 4.99 29.11 18.64
C THR B 51 5.61 28.62 19.95
N LEU B 52 5.77 27.31 20.10
CA LEU B 52 6.46 26.82 21.28
C LEU B 52 7.90 27.30 21.29
N MET B 53 8.55 27.32 20.13
CA MET B 53 9.93 27.77 20.07
C MET B 53 10.04 29.24 20.45
N LEU B 54 9.12 30.09 19.96
CA LEU B 54 9.16 31.50 20.32
C LEU B 54 9.01 31.71 21.83
N ALA B 55 8.24 30.85 22.50
CA ALA B 55 8.10 30.96 23.94
C ALA B 55 9.34 30.50 24.69
N GLY B 56 10.31 29.92 24.00
CA GLY B 56 11.54 29.52 24.61
C GLY B 56 11.68 28.04 24.88
N MET B 57 10.75 27.22 24.45
CA MET B 57 10.75 25.79 24.73
C MET B 57 11.58 25.05 23.69
N ARG B 58 12.57 24.30 24.15
CA ARG B 58 13.40 23.44 23.31
C ARG B 58 13.00 21.97 23.40
N ASP B 59 12.23 21.58 24.41
CA ASP B 59 11.74 20.21 24.57
C ASP B 59 10.25 20.16 24.26
N VAL B 60 9.90 19.43 23.20
CA VAL B 60 8.53 19.39 22.70
C VAL B 60 8.14 17.96 22.42
N LEU B 61 6.98 17.55 22.94
CA LEU B 61 6.41 16.24 22.67
C LEU B 61 5.29 16.39 21.65
N VAL B 62 5.40 15.66 20.55
CA VAL B 62 4.38 15.64 19.51
C VAL B 62 3.49 14.43 19.74
N ILE B 63 2.22 14.67 20.04
CA ILE B 63 1.22 13.63 20.23
C ILE B 63 0.34 13.60 18.99
N SER B 64 0.17 12.43 18.38
CA SER B 64 -0.71 12.36 17.22
C SER B 64 -1.39 10.99 17.23
N THR B 65 -2.10 10.70 16.13
CA THR B 65 -2.80 9.44 15.98
C THR B 65 -1.80 8.35 15.64
N PRO B 66 -2.19 7.08 15.80
CA PRO B 66 -1.27 5.99 15.39
C PRO B 66 -0.86 6.11 13.93
N GLN B 67 -1.78 6.51 13.05
CA GLN B 67 -1.45 6.55 11.64
C GLN B 67 -0.53 7.73 11.29
N ASP B 68 -0.63 8.86 12.02
CA ASP B 68 0.08 10.06 11.60
C ASP B 68 1.39 10.32 12.33
N THR B 69 1.56 9.82 13.56
CA THR B 69 2.78 10.06 14.32
C THR B 69 4.07 9.69 13.60
N PRO B 70 4.21 8.56 12.90
CA PRO B 70 5.46 8.33 12.17
C PRO B 70 5.68 9.37 11.08
N ARG B 71 4.62 9.93 10.49
CA ARG B 71 4.83 10.92 9.46
C ARG B 71 5.48 12.17 10.03
N PHE B 72 5.03 12.62 11.20
CA PHE B 72 5.66 13.78 11.84
C PHE B 72 7.10 13.48 12.23
N GLN B 73 7.37 12.27 12.74
CA GLN B 73 8.75 11.91 13.07
C GLN B 73 9.64 12.00 11.83
N GLN B 74 9.14 11.58 10.67
CA GLN B 74 9.92 11.67 9.45
C GLN B 74 10.23 13.12 9.10
N LEU B 75 9.26 14.01 9.26
CA LEU B 75 9.47 15.41 8.90
C LEU B 75 10.50 16.05 9.81
N LEU B 76 10.29 15.95 11.12
CA LEU B 76 11.00 16.74 12.11
C LEU B 76 12.17 16.01 12.77
N GLY B 77 12.17 14.68 12.80
CA GLY B 77 13.27 14.00 13.49
C GLY B 77 13.29 14.33 14.97
N ASP B 78 14.49 14.38 15.53
CA ASP B 78 14.66 14.64 16.95
C ASP B 78 14.83 16.10 17.27
N GLY B 79 14.81 16.98 16.26
CA GLY B 79 14.91 18.41 16.48
C GLY B 79 16.32 18.91 16.74
N SER B 80 17.31 18.02 16.86
CA SER B 80 18.68 18.46 17.15
C SER B 80 19.24 19.35 16.06
N GLN B 81 18.68 19.28 14.85
CA GLN B 81 19.06 20.20 13.80
C GLN B 81 18.69 21.65 14.13
N TRP B 82 17.75 21.85 15.06
CA TRP B 82 17.34 23.17 15.54
C TRP B 82 17.77 23.41 16.98
N GLY B 83 18.75 22.64 17.46
CA GLY B 83 19.13 22.72 18.86
C GLY B 83 18.05 22.28 19.83
N MET B 84 17.13 21.42 19.39
CA MET B 84 15.94 21.06 20.16
CA MET B 84 15.97 21.07 20.20
C MET B 84 15.96 19.57 20.49
N ASN B 85 15.02 19.17 21.33
CA ASN B 85 14.81 17.76 21.66
C ASN B 85 13.33 17.49 21.43
N LEU B 86 13.00 16.79 20.34
CA LEU B 86 11.62 16.44 20.00
C LEU B 86 11.37 14.98 20.37
N GLN B 87 10.26 14.72 21.06
CA GLN B 87 9.83 13.35 21.38
C GLN B 87 8.42 13.13 20.83
N TYR B 88 8.07 11.87 20.62
CA TYR B 88 6.80 11.49 20.01
C TYR B 88 6.04 10.50 20.88
N ALA B 89 4.72 10.66 20.94
CA ALA B 89 3.86 9.66 21.56
C ALA B 89 2.55 9.68 20.80
N VAL B 90 1.75 8.63 21.01
CA VAL B 90 0.58 8.34 20.20
C VAL B 90 -0.67 8.44 21.06
N GLN B 91 -1.71 9.09 20.52
CA GLN B 91 -3.03 9.02 21.12
C GLN B 91 -3.84 7.98 20.37
N PRO B 92 -4.13 6.82 20.98
CA PRO B 92 -4.73 5.71 20.20
C PRO B 92 -6.19 5.94 19.82
N SER B 93 -6.95 6.68 20.63
CA SER B 93 -8.33 6.95 20.32
C SER B 93 -8.58 8.42 20.62
N PRO B 94 -9.39 9.09 19.83
CA PRO B 94 -9.56 10.55 20.06
C PRO B 94 -10.49 10.82 21.23
N ASP B 95 -9.91 10.72 22.43
CA ASP B 95 -10.63 10.72 23.69
C ASP B 95 -10.56 12.07 24.42
N GLY B 96 -10.23 13.14 23.73
CA GLY B 96 -10.24 14.43 24.40
C GLY B 96 -8.85 15.03 24.51
N LEU B 97 -8.81 16.37 24.48
CA LEU B 97 -7.55 17.11 24.57
C LEU B 97 -6.81 16.85 25.87
N ALA B 98 -7.53 16.71 26.98
CA ALA B 98 -6.86 16.58 28.27
C ALA B 98 -6.00 15.33 28.39
N GLN B 99 -6.26 14.29 27.59
CA GLN B 99 -5.40 13.10 27.63
C GLN B 99 -3.95 13.41 27.22
N ALA B 100 -3.71 14.55 26.56
CA ALA B 100 -2.35 14.93 26.20
C ALA B 100 -1.47 15.00 27.44
N PHE B 101 -2.02 15.45 28.56
CA PHE B 101 -1.27 15.54 29.80
C PHE B 101 -1.15 14.20 30.51
N ILE B 102 -2.04 13.24 30.23
CA ILE B 102 -1.89 11.88 30.75
C ILE B 102 -0.81 11.15 29.97
N ILE B 103 -0.88 11.20 28.64
CA ILE B 103 0.13 10.59 27.80
C ILE B 103 1.49 11.24 28.01
N GLY B 104 1.51 12.57 28.16
CA GLY B 104 2.77 13.28 28.28
C GLY B 104 3.25 13.46 29.71
N GLU B 105 2.68 12.67 30.62
CA GLU B 105 2.98 12.80 32.05
C GLU B 105 4.46 12.55 32.33
N GLN B 106 5.03 11.50 31.74
CA GLN B 106 6.44 11.20 31.97
C GLN B 106 7.32 12.23 31.27
N PHE B 107 6.90 12.69 30.09
CA PHE B 107 7.63 13.74 29.41
C PHE B 107 7.66 15.03 30.23
N ILE B 108 6.51 15.39 30.82
CA ILE B 108 6.43 16.61 31.62
C ILE B 108 7.26 16.51 32.89
N GLY B 109 7.19 15.37 33.59
CA GLY B 109 7.86 15.27 34.88
C GLY B 109 7.23 16.24 35.86
N ASN B 110 8.07 16.99 36.57
CA ASN B 110 7.59 18.02 37.48
C ASN B 110 7.80 19.42 36.89
N ALA B 111 7.77 19.55 35.59
CA ALA B 111 8.04 20.85 35.00
C ALA B 111 6.75 21.56 34.61
N PRO B 112 6.79 22.89 34.50
CA PRO B 112 5.68 23.58 33.85
C PRO B 112 5.60 23.15 32.39
N SER B 113 4.41 23.27 31.81
CA SER B 113 4.17 22.77 30.48
C SER B 113 3.40 23.78 29.65
N ALA B 114 3.26 23.45 28.36
CA ALA B 114 2.42 24.21 27.45
C ALA B 114 1.82 23.23 26.45
N LEU B 115 0.59 23.50 26.05
CA LEU B 115 -0.09 22.72 25.03
C LEU B 115 -0.56 23.66 23.92
N VAL B 116 -0.24 23.30 22.69
CA VAL B 116 -0.76 23.98 21.50
C VAL B 116 -1.36 22.94 20.57
N LEU B 117 -2.48 23.29 19.96
CA LEU B 117 -3.15 22.41 19.03
C LEU B 117 -2.45 22.45 17.68
N GLY B 118 -2.38 21.30 17.01
CA GLY B 118 -1.60 21.18 15.78
C GLY B 118 -2.08 22.03 14.62
N ASP B 119 -3.28 22.60 14.68
CA ASP B 119 -3.78 23.39 13.57
C ASP B 119 -3.90 24.87 13.92
N ASN B 120 -3.21 25.31 14.96
CA ASN B 120 -3.30 26.69 15.41
C ASN B 120 -2.15 27.50 14.81
N ILE B 121 -2.49 28.51 14.02
CA ILE B 121 -1.52 29.39 13.38
C ILE B 121 -1.73 30.80 13.92
N TYR B 122 -0.74 31.33 14.62
CA TYR B 122 -0.77 32.68 15.15
C TYR B 122 0.30 33.52 14.46
N TYR B 123 0.03 34.83 14.33
CA TYR B 123 1.07 35.78 13.97
C TYR B 123 0.78 37.12 14.63
N GLY B 124 1.83 37.72 15.19
CA GLY B 124 1.74 39.09 15.66
C GLY B 124 3.10 39.65 16.02
N HIS B 125 3.32 40.93 15.73
CA HIS B 125 4.60 41.56 16.03
C HIS B 125 5.01 41.41 17.50
N ASP B 126 4.05 41.47 18.43
CA ASP B 126 4.37 41.35 19.85
C ASP B 126 4.09 39.95 20.39
N PHE B 127 3.96 38.94 19.52
CA PHE B 127 3.58 37.60 19.97
C PHE B 127 4.64 37.03 20.90
N GLN B 128 5.91 37.14 20.53
CA GLN B 128 6.94 36.58 21.41
C GLN B 128 6.95 37.21 22.80
N PRO B 129 6.92 38.55 22.95
CA PRO B 129 6.81 39.10 24.32
C PRO B 129 5.57 38.60 25.05
N LEU B 130 4.46 38.41 24.34
CA LEU B 130 3.27 37.88 24.99
C LEU B 130 3.51 36.46 25.50
N LEU B 131 4.20 35.63 24.72
CA LEU B 131 4.49 34.27 25.14
C LEU B 131 5.44 34.24 26.33
N LYS B 132 6.53 35.01 26.27
CA LYS B 132 7.49 35.02 27.37
C LYS B 132 6.87 35.53 28.66
N ALA B 133 5.95 36.50 28.58
CA ALA B 133 5.26 36.95 29.78
C ALA B 133 4.42 35.83 30.36
N ALA B 134 3.70 35.08 29.51
CA ALA B 134 2.95 33.94 30.00
C ALA B 134 3.88 32.88 30.56
N ASP B 135 5.02 32.66 29.90
CA ASP B 135 5.99 31.69 30.39
C ASP B 135 6.56 32.08 31.74
N ALA B 136 6.63 33.39 32.02
CA ALA B 136 7.24 33.88 33.24
C ALA B 136 6.32 33.75 34.46
N GLN B 137 5.05 33.43 34.26
CA GLN B 137 4.13 33.23 35.38
C GLN B 137 4.61 32.11 36.27
N SER B 138 4.71 32.40 37.57
CA SER B 138 5.25 31.43 38.51
C SER B 138 4.26 30.30 38.78
N SER B 139 2.97 30.58 38.78
CA SER B 139 1.98 29.58 39.15
C SER B 139 0.72 29.76 38.32
N GLY B 140 -0.17 28.77 38.42
CA GLY B 140 -1.46 28.84 37.76
C GLY B 140 -1.42 28.42 36.29
N ALA B 141 -2.37 28.95 35.53
CA ALA B 141 -2.54 28.59 34.13
C ALA B 141 -2.83 29.86 33.31
N THR B 142 -2.53 29.80 32.01
CA THR B 142 -2.79 30.91 31.10
C THR B 142 -3.47 30.41 29.83
N VAL B 143 -4.59 31.03 29.48
CA VAL B 143 -5.21 30.79 28.18
C VAL B 143 -5.06 32.04 27.31
N PHE B 144 -5.10 31.82 25.99
CA PHE B 144 -4.90 32.87 24.99
C PHE B 144 -6.20 33.10 24.25
N ALA B 145 -6.69 34.33 24.35
CA ALA B 145 -7.99 34.74 23.80
C ALA B 145 -7.79 35.62 22.57
N TYR B 146 -8.66 35.44 21.58
CA TYR B 146 -8.58 36.18 20.33
C TYR B 146 -9.88 36.93 20.14
N HIS B 147 -9.76 38.23 19.88
CA HIS B 147 -10.94 39.07 19.73
C HIS B 147 -11.62 38.73 18.41
N VAL B 148 -12.92 38.43 18.48
CA VAL B 148 -13.70 38.10 17.30
C VAL B 148 -14.94 38.99 17.24
N HIS B 149 -15.45 39.16 16.02
CA HIS B 149 -16.69 39.89 15.81
C HIS B 149 -17.92 39.01 16.00
N ASP B 150 -17.74 37.69 16.09
CA ASP B 150 -18.83 36.72 16.22
C ASP B 150 -18.48 35.73 17.32
N PRO B 151 -18.52 36.17 18.58
CA PRO B 151 -18.12 35.26 19.68
C PRO B 151 -19.00 34.03 19.81
N GLU B 152 -20.22 34.04 19.26
CA GLU B 152 -21.10 32.89 19.37
C GLU B 152 -20.51 31.62 18.76
N ARG B 153 -19.56 31.75 17.83
CA ARG B 153 -19.05 30.58 17.12
C ARG B 153 -18.01 29.79 17.91
N TYR B 154 -17.35 30.40 18.89
CA TYR B 154 -16.22 29.81 19.59
C TYR B 154 -16.55 29.61 21.06
N GLY B 155 -15.61 29.01 21.79
CA GLY B 155 -15.64 29.04 23.24
C GLY B 155 -15.18 30.40 23.72
N VAL B 156 -15.97 31.05 24.57
CA VAL B 156 -15.75 32.45 24.95
C VAL B 156 -15.31 32.52 26.41
N VAL B 157 -14.32 33.36 26.66
CA VAL B 157 -13.79 33.56 28.01
C VAL B 157 -14.07 35.01 28.42
N GLN B 158 -14.62 35.18 29.62
CA GLN B 158 -14.80 36.47 30.25
C GLN B 158 -13.77 36.61 31.36
N PHE B 159 -13.11 37.76 31.42
CA PHE B 159 -12.04 37.98 32.38
C PHE B 159 -12.15 39.37 33.01
N ASN B 160 -11.50 39.52 34.17
CA ASN B 160 -11.63 40.75 34.95
C ASN B 160 -10.53 41.74 34.54
N ALA B 161 -10.63 42.97 35.05
CA ALA B 161 -9.71 44.04 34.68
C ALA B 161 -8.24 43.66 34.83
N GLN B 162 -7.91 42.75 35.72
CA GLN B 162 -6.52 42.31 35.91
C GLN B 162 -6.12 41.13 35.02
N GLY B 163 -6.99 40.68 34.11
CA GLY B 163 -6.66 39.55 33.27
C GLY B 163 -6.96 38.17 33.85
N GLN B 164 -7.79 38.07 34.88
CA GLN B 164 -8.12 36.79 35.50
C GLN B 164 -9.48 36.34 34.97
N ALA B 165 -9.55 35.09 34.51
CA ALA B 165 -10.78 34.59 33.92
C ALA B 165 -11.90 34.50 34.94
N VAL B 166 -13.10 34.90 34.53
CA VAL B 166 -14.28 34.82 35.38
C VAL B 166 -15.27 33.76 34.89
N SER B 167 -15.36 33.51 33.58
CA SER B 167 -16.24 32.48 33.05
C SER B 167 -15.67 31.96 31.74
N ILE B 168 -16.03 30.73 31.39
CA ILE B 168 -15.64 30.14 30.12
C ILE B 168 -16.85 29.37 29.60
N GLU B 169 -17.39 29.80 28.46
CA GLU B 169 -18.62 29.26 27.91
C GLU B 169 -18.42 28.85 26.46
N GLU B 170 -18.85 27.63 26.13
CA GLU B 170 -18.69 27.04 24.80
C GLU B 170 -19.82 27.48 23.88
N LYS B 171 -19.47 28.21 22.81
CA LYS B 171 -20.43 28.70 21.83
C LYS B 171 -21.64 29.29 22.54
N PRO B 172 -21.49 30.39 23.29
CA PRO B 172 -22.62 30.90 24.06
C PRO B 172 -23.64 31.59 23.18
N LYS B 173 -24.92 31.27 23.42
CA LYS B 173 -25.99 32.00 22.75
C LYS B 173 -25.92 33.49 23.11
N ALA B 174 -25.55 33.81 24.34
CA ALA B 174 -25.33 35.18 24.80
C ALA B 174 -23.88 35.30 25.28
N PRO B 175 -22.96 35.68 24.41
CA PRO B 175 -21.53 35.66 24.77
C PRO B 175 -21.20 36.71 25.82
N LYS B 176 -20.47 36.30 26.86
CA LYS B 176 -20.12 37.21 27.94
C LYS B 176 -18.90 38.07 27.62
N SER B 177 -18.24 37.82 26.49
CA SER B 177 -17.12 38.65 26.06
C SER B 177 -16.95 38.44 24.55
N ASN B 178 -15.99 39.16 23.98
CA ASN B 178 -15.65 39.02 22.57
C ASN B 178 -14.38 38.22 22.35
N TYR B 179 -13.90 37.52 23.37
CA TYR B 179 -12.60 36.87 23.29
C TYR B 179 -12.78 35.36 23.23
N ALA B 180 -12.38 34.77 22.09
CA ALA B 180 -12.44 33.33 21.89
C ALA B 180 -11.20 32.66 22.47
N VAL B 181 -11.39 31.52 23.11
CA VAL B 181 -10.26 30.74 23.58
C VAL B 181 -9.64 30.05 22.37
N THR B 182 -8.36 30.31 22.16
CA THR B 182 -7.59 29.67 21.10
C THR B 182 -6.95 28.39 21.65
N GLY B 183 -6.32 27.64 20.74
CA GLY B 183 -5.75 26.35 21.11
C GLY B 183 -4.33 26.41 21.63
N LEU B 184 -4.09 27.26 22.63
CA LEU B 184 -2.76 27.44 23.22
C LEU B 184 -2.90 27.66 24.72
N TYR B 185 -2.22 26.83 25.50
CA TYR B 185 -2.39 26.79 26.95
C TYR B 185 -1.06 26.61 27.66
N PHE B 186 -0.82 27.40 28.71
CA PHE B 186 0.36 27.27 29.57
C PHE B 186 -0.08 26.81 30.95
N TYR B 187 0.70 25.93 31.59
CA TYR B 187 0.29 25.37 32.89
C TYR B 187 1.47 25.20 33.85
N ASP B 188 1.18 25.28 35.15
CA ASP B 188 2.18 24.97 36.15
C ASP B 188 2.26 23.46 36.41
N GLN B 189 2.79 23.05 37.56
CA GLN B 189 3.02 21.64 37.82
C GLN B 189 1.75 20.87 38.20
N GLN B 190 0.60 21.53 38.31
CA GLN B 190 -0.63 20.89 38.78
C GLN B 190 -1.41 20.20 37.67
N VAL B 191 -1.08 20.45 36.40
CA VAL B 191 -2.00 20.10 35.32
C VAL B 191 -2.06 18.59 35.14
N VAL B 192 -0.94 17.89 35.30
CA VAL B 192 -0.95 16.45 35.10
C VAL B 192 -1.98 15.80 36.03
N ASP B 193 -1.98 16.22 37.31
CA ASP B 193 -2.96 15.72 38.27
C ASP B 193 -4.37 16.24 38.02
N ILE B 194 -4.51 17.50 37.58
CA ILE B 194 -5.84 18.04 37.30
C ILE B 194 -6.50 17.27 36.15
N ALA B 195 -5.74 17.02 35.09
CA ALA B 195 -6.28 16.29 33.94
C ALA B 195 -6.76 14.90 34.31
N LYS B 196 -6.06 14.25 35.24
CA LYS B 196 -6.44 12.89 35.62
C LYS B 196 -7.84 12.83 36.24
N ALA B 197 -8.32 13.93 36.82
CA ALA B 197 -9.63 13.97 37.44
C ALA B 197 -10.73 14.42 36.48
N VAL B 198 -10.42 14.71 35.22
CA VAL B 198 -11.45 15.11 34.28
C VAL B 198 -12.29 13.90 33.92
N LYS B 199 -13.64 14.06 34.00
CA LYS B 199 -14.67 13.10 33.60
C LYS B 199 -15.12 13.39 32.16
N PRO B 200 -15.52 12.36 31.41
CA PRO B 200 -15.89 12.56 30.01
C PRO B 200 -17.13 13.43 29.86
N SER B 201 -17.06 14.40 28.96
CA SER B 201 -18.12 15.38 28.80
C SER B 201 -19.31 14.76 28.07
N ALA B 202 -20.28 15.61 27.73
CA ALA B 202 -21.42 15.18 26.92
C ALA B 202 -21.01 14.73 25.53
N ARG B 203 -19.80 15.07 25.10
CA ARG B 203 -19.25 14.63 23.82
C ARG B 203 -18.50 13.30 23.95
N GLY B 204 -18.32 12.78 25.16
CA GLY B 204 -17.55 11.56 25.35
C GLY B 204 -16.04 11.77 25.31
N GLU B 205 -15.56 12.94 25.73
CA GLU B 205 -14.15 13.29 25.62
C GLU B 205 -13.72 14.03 26.87
N LEU B 206 -12.44 13.89 27.22
CA LEU B 206 -11.82 14.62 28.33
C LEU B 206 -11.43 16.02 27.84
N GLU B 207 -12.33 16.99 28.05
CA GLU B 207 -12.19 18.31 27.46
C GLU B 207 -11.15 19.16 28.19
N ILE B 208 -10.38 19.92 27.40
CA ILE B 208 -9.42 20.85 28.01
C ILE B 208 -10.15 21.93 28.79
N THR B 209 -11.39 22.24 28.40
CA THR B 209 -12.15 23.24 29.14
C THR B 209 -12.34 22.84 30.60
N SER B 210 -12.49 21.53 30.85
CA SER B 210 -12.60 21.06 32.23
C SER B 210 -11.31 21.32 33.00
N VAL B 211 -10.15 21.13 32.36
CA VAL B 211 -8.88 21.48 32.98
C VAL B 211 -8.84 22.96 33.33
N ASN B 212 -9.20 23.81 32.36
CA ASN B 212 -9.19 25.25 32.57
C ASN B 212 -10.23 25.66 33.62
N GLN B 213 -11.36 24.95 33.69
CA GLN B 213 -12.34 25.22 34.73
C GLN B 213 -11.77 24.98 36.13
N ALA B 214 -10.96 23.94 36.30
CA ALA B 214 -10.36 23.69 37.61
C ALA B 214 -9.45 24.83 38.05
N TYR B 215 -8.61 25.33 37.13
CA TYR B 215 -7.77 26.47 37.46
C TYR B 215 -8.59 27.71 37.74
N MET B 216 -9.65 27.93 36.97
CA MET B 216 -10.47 29.12 37.18
C MET B 216 -11.22 29.02 38.50
N GLN B 217 -11.71 27.83 38.83
CA GLN B 217 -12.41 27.65 40.09
C GLN B 217 -11.48 27.88 41.28
N GLN B 218 -10.18 27.63 41.10
CA GLN B 218 -9.17 27.97 42.08
C GLN B 218 -8.70 29.42 41.99
N GLY B 219 -9.27 30.19 41.05
CA GLY B 219 -8.83 31.56 40.84
C GLY B 219 -7.43 31.69 40.29
N GLN B 220 -6.97 30.72 39.52
CA GLN B 220 -5.59 30.72 39.04
C GLN B 220 -5.50 30.66 37.52
N LEU B 221 -6.57 31.04 36.82
CA LEU B 221 -6.58 31.05 35.35
C LEU B 221 -6.46 32.48 34.83
N ASN B 222 -5.33 32.79 34.22
CA ASN B 222 -5.08 34.09 33.62
C ASN B 222 -5.33 34.05 32.12
N VAL B 223 -5.58 35.23 31.55
CA VAL B 223 -5.93 35.35 30.15
C VAL B 223 -4.99 36.35 29.50
N GLN B 224 -4.35 35.95 28.41
CA GLN B 224 -3.63 36.85 27.53
C GLN B 224 -4.49 37.12 26.32
N THR B 225 -4.70 38.40 26.01
CA THR B 225 -5.56 38.84 24.92
C THR B 225 -4.73 39.13 23.67
N MET B 226 -5.17 38.61 22.54
CA MET B 226 -4.56 38.93 21.25
C MET B 226 -5.52 39.81 20.45
N GLY B 227 -5.31 41.11 20.51
CA GLY B 227 -6.15 42.06 19.80
C GLY B 227 -5.52 42.65 18.55
N ARG B 228 -5.51 43.98 18.50
CA ARG B 228 -4.97 44.68 17.35
C ARG B 228 -3.54 44.23 17.07
N GLY B 229 -3.26 43.91 15.81
CA GLY B 229 -1.97 43.45 15.39
C GLY B 229 -1.84 41.93 15.29
N TYR B 230 -2.76 41.16 15.86
CA TYR B 230 -2.66 39.70 15.86
C TYR B 230 -3.53 39.06 14.78
N ALA B 231 -3.03 37.97 14.20
CA ALA B 231 -3.79 37.11 13.32
C ALA B 231 -3.90 35.71 13.94
N TRP B 232 -5.10 35.13 13.88
CA TRP B 232 -5.38 33.74 14.24
C TRP B 232 -6.14 33.11 13.09
N LEU B 233 -5.47 32.27 12.32
CA LEU B 233 -6.00 31.81 11.04
C LEU B 233 -6.86 30.57 11.20
N ASP B 234 -7.98 30.53 10.49
CA ASP B 234 -8.83 29.34 10.43
C ASP B 234 -8.24 28.33 9.45
N THR B 235 -8.03 27.09 9.91
CA THR B 235 -7.55 26.04 9.03
C THR B 235 -8.59 24.95 8.79
N GLY B 236 -9.88 25.25 9.00
CA GLY B 236 -10.91 24.22 8.96
C GLY B 236 -11.35 23.77 7.59
N THR B 237 -11.34 24.65 6.60
CA THR B 237 -11.89 24.32 5.29
C THR B 237 -10.86 24.56 4.19
N HIS B 238 -11.16 24.04 3.02
CA HIS B 238 -10.31 24.28 1.86
C HIS B 238 -10.23 25.77 1.56
N ASP B 239 -11.37 26.47 1.61
CA ASP B 239 -11.37 27.92 1.38
C ASP B 239 -10.51 28.62 2.41
N SER B 240 -10.72 28.31 3.68
CA SER B 240 -9.98 29.00 4.74
C SER B 240 -8.48 28.66 4.72
N LEU B 241 -8.10 27.44 4.33
CA LEU B 241 -6.67 27.10 4.24
C LEU B 241 -6.00 27.87 3.11
N LEU B 242 -6.70 28.03 2.00
CA LEU B 242 -6.16 28.83 0.91
C LEU B 242 -5.95 30.26 1.38
N ASP B 243 -6.94 30.80 2.10
CA ASP B 243 -6.82 32.12 2.70
C ASP B 243 -5.65 32.19 3.68
N ALA B 244 -5.47 31.15 4.48
CA ALA B 244 -4.33 31.14 5.39
C ALA B 244 -3.02 31.17 4.61
N SER B 245 -2.95 30.42 3.51
CA SER B 245 -1.75 30.45 2.69
C SER B 245 -1.51 31.83 2.08
N GLN B 246 -2.56 32.45 1.56
CA GLN B 246 -2.43 33.79 1.00
C GLN B 246 -1.97 34.78 2.06
N PHE B 247 -2.52 34.67 3.27
CA PHE B 247 -2.14 35.59 4.34
C PHE B 247 -0.64 35.50 4.61
N ILE B 248 -0.12 34.28 4.80
CA ILE B 248 1.30 34.10 5.08
C ILE B 248 2.15 34.63 3.93
N ALA B 249 1.77 34.33 2.69
CA ALA B 249 2.55 34.77 1.53
C ALA B 249 2.60 36.30 1.44
N THR B 250 1.50 36.96 1.77
CA THR B 250 1.44 38.41 1.73
C THR B 250 2.40 39.02 2.74
N LEU B 251 2.35 38.57 3.99
CA LEU B 251 3.23 39.13 5.02
C LEU B 251 4.69 38.88 4.72
N GLU B 252 5.01 37.65 4.25
CA GLU B 252 6.40 37.26 4.05
C GLU B 252 6.96 37.97 2.81
N ASN B 253 6.16 38.12 1.77
CA ASN B 253 6.67 38.76 0.57
C ASN B 253 6.67 40.30 0.69
N ARG B 254 5.77 40.88 1.47
CA ARG B 254 5.72 42.33 1.52
C ARG B 254 6.62 42.89 2.61
N GLN B 255 6.75 42.17 3.73
CA GLN B 255 7.44 42.68 4.91
C GLN B 255 8.83 42.09 5.14
N GLY B 256 9.35 41.29 4.21
CA GLY B 256 10.69 40.75 4.38
C GLY B 256 10.91 39.95 5.66
N LEU B 257 9.90 39.20 6.08
CA LEU B 257 9.98 38.32 7.25
C LEU B 257 9.54 36.91 6.87
N LYS B 258 9.70 35.98 7.81
CA LYS B 258 9.19 34.62 7.67
C LYS B 258 8.32 34.30 8.88
N VAL B 259 7.13 33.74 8.64
CA VAL B 259 6.31 33.26 9.76
C VAL B 259 6.64 31.78 9.99
N ALA B 260 6.95 31.42 11.23
CA ALA B 260 7.15 30.02 11.65
C ALA B 260 8.28 29.38 10.86
N CYS B 261 9.44 30.00 10.91
CA CYS B 261 10.63 29.43 10.31
C CYS B 261 11.50 28.89 11.43
N PRO B 262 11.48 27.58 11.71
CA PRO B 262 12.24 27.07 12.89
C PRO B 262 13.73 27.34 12.81
N GLU B 263 14.34 27.25 11.62
CA GLU B 263 15.77 27.51 11.51
C GLU B 263 16.11 28.91 11.99
N GLU B 264 15.34 29.92 11.54
CA GLU B 264 15.58 31.29 11.96
C GLU B 264 15.40 31.45 13.45
N ILE B 265 14.29 30.94 13.99
CA ILE B 265 14.02 31.11 15.42
C ILE B 265 15.13 30.48 16.25
N ALA B 266 15.58 29.29 15.87
CA ALA B 266 16.67 28.65 16.59
C ALA B 266 17.94 29.50 16.52
N TRP B 267 18.22 30.07 15.35
CA TRP B 267 19.44 30.87 15.20
C TRP B 267 19.36 32.14 16.04
N ARG B 268 18.26 32.91 15.91
CA ARG B 268 18.13 34.15 16.67
C ARG B 268 18.10 33.88 18.18
N SER B 269 17.61 32.71 18.59
CA SER B 269 17.57 32.36 20.01
C SER B 269 18.90 31.84 20.54
N GLY B 270 19.90 31.62 19.67
CA GLY B 270 21.18 31.08 20.08
C GLY B 270 21.23 29.58 20.23
N TRP B 271 20.21 28.86 19.74
CA TRP B 271 20.18 27.40 19.85
C TRP B 271 21.08 26.72 18.83
N ILE B 272 21.38 27.40 17.72
CA ILE B 272 22.37 26.95 16.76
C ILE B 272 23.25 28.15 16.41
N ASN B 273 24.45 27.87 15.91
CA ASN B 273 25.31 28.96 15.50
C ASN B 273 25.17 29.21 14.01
N ALA B 274 25.86 30.23 13.50
CA ALA B 274 25.74 30.60 12.10
C ALA B 274 26.24 29.51 11.17
N SER B 275 27.26 28.76 11.59
CA SER B 275 27.76 27.65 10.77
C SER B 275 26.70 26.54 10.65
N GLN B 276 26.03 26.23 11.75
CA GLN B 276 24.97 25.21 11.71
C GLN B 276 23.81 25.66 10.84
N LEU B 277 23.47 26.95 10.87
CA LEU B 277 22.39 27.46 10.03
C LEU B 277 22.77 27.37 8.56
N GLU B 278 24.01 27.70 8.23
CA GLU B 278 24.46 27.57 6.85
C GLU B 278 24.40 26.13 6.36
N ALA B 279 24.61 25.16 7.26
CA ALA B 279 24.48 23.76 6.86
C ALA B 279 23.02 23.41 6.58
N LEU B 280 22.09 23.97 7.35
CA LEU B 280 20.68 23.71 7.11
C LEU B 280 20.20 24.35 5.81
N VAL B 281 20.83 25.44 5.38
CA VAL B 281 20.31 26.17 4.23
C VAL B 281 20.68 25.48 2.91
N GLN B 282 21.72 24.64 2.89
CA GLN B 282 22.19 24.09 1.63
C GLN B 282 21.11 23.36 0.83
N PRO B 283 20.24 22.53 1.42
CA PRO B 283 19.15 21.93 0.63
C PRO B 283 18.04 22.90 0.30
N LEU B 284 18.05 24.11 0.87
CA LEU B 284 16.96 25.05 0.65
C LEU B 284 17.36 26.19 -0.29
N THR B 285 18.50 26.06 -0.98
CA THR B 285 19.03 27.16 -1.77
C THR B 285 18.15 27.49 -2.96
N LYS B 286 17.30 26.54 -3.38
CA LYS B 286 16.55 26.69 -4.62
C LYS B 286 15.40 27.68 -4.49
N ASN B 287 14.86 27.87 -3.28
CA ASN B 287 13.64 28.67 -3.12
C ASN B 287 13.89 29.89 -2.23
N GLY B 288 12.82 30.67 -2.06
CA GLY B 288 12.89 31.87 -1.23
C GLY B 288 13.03 31.59 0.25
N TYR B 289 12.62 30.40 0.69
CA TYR B 289 12.81 30.02 2.09
C TYR B 289 14.30 29.93 2.44
N GLY B 290 15.08 29.25 1.60
CA GLY B 290 16.51 29.14 1.89
C GLY B 290 17.26 30.43 1.61
N GLN B 291 16.90 31.13 0.54
CA GLN B 291 17.53 32.41 0.27
C GLN B 291 17.21 33.42 1.37
N TYR B 292 16.03 33.33 1.99
CA TYR B 292 15.76 34.19 3.13
C TYR B 292 16.79 33.95 4.23
N LEU B 293 17.05 32.68 4.55
CA LEU B 293 18.05 32.34 5.56
C LEU B 293 19.45 32.80 5.15
N MET B 294 19.79 32.75 3.87
CA MET B 294 21.10 33.23 3.44
C MET B 294 21.21 34.74 3.64
N GLN B 295 20.10 35.46 3.49
CA GLN B 295 20.14 36.91 3.67
C GLN B 295 20.45 37.27 5.12
N ILE B 296 19.89 36.55 6.08
CA ILE B 296 20.19 36.89 7.47
C ILE B 296 21.59 36.43 7.85
N LEU B 297 22.13 35.44 7.15
CA LEU B 297 23.51 35.03 7.39
C LEU B 297 24.50 36.11 6.94
N LYS B 298 24.18 36.85 5.90
CA LYS B 298 25.06 37.90 5.42
C LYS B 298 24.63 39.28 5.94
N THR C 10 16.06 1.10 20.95
CA THR C 10 15.74 0.52 19.65
C THR C 10 15.90 1.55 18.54
N GLN C 11 17.09 2.14 18.43
CA GLN C 11 17.34 3.09 17.36
C GLN C 11 17.47 2.42 15.99
N ARG C 12 17.70 1.11 15.97
CA ARG C 12 17.93 0.41 14.71
C ARG C 12 16.63 0.23 13.95
N LYS C 13 16.71 0.40 12.63
CA LYS C 13 15.56 0.31 11.73
C LYS C 13 15.75 -0.86 10.76
N GLY C 14 14.70 -1.60 10.52
CA GLY C 14 14.79 -2.82 9.74
C GLY C 14 14.19 -2.68 8.36
N ILE C 15 14.75 -3.46 7.43
CA ILE C 15 14.32 -3.55 6.05
C ILE C 15 14.10 -5.04 5.73
N ILE C 16 12.96 -5.33 5.12
CA ILE C 16 12.66 -6.65 4.55
C ILE C 16 12.65 -6.56 3.04
N LEU C 17 13.46 -7.38 2.39
CA LEU C 17 13.48 -7.50 0.95
C LEU C 17 12.48 -8.59 0.58
N ALA C 18 11.29 -8.18 0.13
CA ALA C 18 10.21 -9.09 -0.21
C ALA C 18 9.83 -8.99 -1.68
N GLY C 19 10.79 -8.67 -2.51
CA GLY C 19 10.53 -8.50 -3.93
C GLY C 19 10.93 -9.70 -4.73
N GLY C 20 11.52 -10.70 -4.08
CA GLY C 20 12.14 -11.78 -4.80
C GLY C 20 11.24 -12.38 -5.83
N SER C 21 11.71 -12.39 -7.07
CA SER C 21 10.98 -13.00 -8.15
C SER C 21 11.26 -14.49 -8.07
N GLY C 22 12.13 -14.96 -8.95
CA GLY C 22 12.45 -16.36 -9.04
C GLY C 22 11.32 -17.15 -9.67
N THR C 23 11.58 -17.67 -10.86
CA THR C 23 10.62 -18.60 -11.44
C THR C 23 10.68 -19.97 -10.79
N ARG C 24 11.50 -20.16 -9.75
CA ARG C 24 11.72 -21.51 -9.24
C ARG C 24 10.46 -22.10 -8.64
N LEU C 25 9.54 -21.28 -8.15
CA LEU C 25 8.32 -21.79 -7.56
C LEU C 25 7.14 -21.75 -8.51
N HIS C 26 7.36 -21.43 -9.79
CA HIS C 26 6.26 -21.48 -10.72
C HIS C 26 5.74 -22.92 -10.81
N PRO C 27 4.43 -23.10 -11.08
CA PRO C 27 3.43 -22.07 -11.33
C PRO C 27 2.73 -21.51 -10.06
N ALA C 28 3.06 -22.01 -8.86
CA ALA C 28 2.45 -21.44 -7.64
C ALA C 28 2.64 -19.93 -7.56
N THR C 29 3.82 -19.44 -7.94
CA THR C 29 4.13 -18.02 -7.81
C THR C 29 3.83 -17.23 -9.08
N LEU C 30 3.13 -17.81 -10.06
CA LEU C 30 2.74 -17.03 -11.23
C LEU C 30 1.82 -15.87 -10.88
N ALA C 31 0.89 -16.08 -9.96
CA ALA C 31 -0.06 -15.04 -9.67
C ALA C 31 0.37 -14.15 -8.52
N ILE C 32 1.10 -14.70 -7.56
CA ILE C 32 1.36 -14.01 -6.31
C ILE C 32 2.83 -14.14 -5.92
N SER C 33 3.31 -13.14 -5.20
CA SER C 33 4.69 -13.09 -4.74
C SER C 33 4.99 -14.24 -3.79
N LYS C 34 6.25 -14.67 -3.81
CA LYS C 34 6.68 -15.78 -2.97
C LYS C 34 6.43 -15.47 -1.50
N GLN C 35 6.73 -14.23 -1.08
CA GLN C 35 6.66 -13.91 0.34
C GLN C 35 5.24 -13.73 0.85
N LEU C 36 4.24 -13.90 -0.01
CA LEU C 36 2.85 -13.98 0.43
C LEU C 36 2.33 -15.43 0.54
N LEU C 37 3.07 -16.42 0.07
CA LEU C 37 2.62 -17.82 0.22
C LEU C 37 2.58 -18.22 1.69
N PRO C 38 1.68 -19.11 2.07
CA PRO C 38 1.68 -19.57 3.48
C PRO C 38 2.84 -20.53 3.75
N VAL C 39 3.47 -20.32 4.90
CA VAL C 39 4.35 -21.29 5.53
C VAL C 39 3.58 -21.80 6.73
N TYR C 40 3.01 -23.01 6.58
CA TYR C 40 2.00 -23.58 7.45
C TYR C 40 0.80 -22.65 7.55
N ASP C 41 0.62 -21.92 8.66
CA ASP C 41 -0.62 -21.17 8.88
C ASP C 41 -0.49 -19.66 8.67
N LYS C 42 0.68 -19.16 8.28
CA LYS C 42 0.82 -17.71 8.20
C LYS C 42 1.64 -17.28 6.99
N PRO C 43 1.40 -16.06 6.47
CA PRO C 43 2.16 -15.61 5.29
C PRO C 43 3.64 -15.63 5.58
N MET C 44 4.43 -15.98 4.55
CA MET C 44 5.87 -16.10 4.72
C MET C 44 6.49 -14.85 5.35
N ILE C 45 5.99 -13.65 4.98
CA ILE C 45 6.63 -12.42 5.44
C ILE C 45 6.52 -12.26 6.95
N TYR C 46 5.52 -12.90 7.60
CA TYR C 46 5.48 -12.90 9.07
C TYR C 46 6.77 -13.42 9.68
N TYR C 47 7.46 -14.37 9.02
CA TYR C 47 8.65 -14.96 9.63
C TYR C 47 9.82 -13.97 9.67
N PRO C 48 10.30 -13.43 8.55
CA PRO C 48 11.33 -12.37 8.66
C PRO C 48 10.88 -11.14 9.43
N LEU C 49 9.62 -10.74 9.33
CA LEU C 49 9.16 -9.60 10.12
C LEU C 49 9.30 -9.86 11.62
N SER C 50 8.86 -11.05 12.05
CA SER C 50 8.99 -11.39 13.46
C SER C 50 10.45 -11.51 13.87
N THR C 51 11.34 -11.90 12.96
CA THR C 51 12.76 -11.85 13.29
C THR C 51 13.19 -10.42 13.62
N LEU C 52 12.78 -9.43 12.81
CA LEU C 52 13.13 -8.05 13.13
C LEU C 52 12.48 -7.60 14.44
N MET C 53 11.23 -8.01 14.67
CA MET C 53 10.57 -7.66 15.93
C MET C 53 11.29 -8.26 17.13
N LEU C 54 11.69 -9.53 17.04
CA LEU C 54 12.40 -10.16 18.15
C LEU C 54 13.67 -9.40 18.46
N ALA C 55 14.31 -8.84 17.44
CA ALA C 55 15.53 -8.06 17.66
C ALA C 55 15.27 -6.73 18.31
N GLY C 56 14.01 -6.30 18.40
CA GLY C 56 13.67 -5.03 19.00
C GLY C 56 13.31 -3.92 18.03
N MET C 57 13.17 -4.23 16.73
CA MET C 57 12.86 -3.20 15.74
C MET C 57 11.36 -3.02 15.59
N ARG C 58 10.90 -1.79 15.78
CA ARG C 58 9.52 -1.39 15.58
C ARG C 58 9.31 -0.64 14.26
N ASP C 59 10.38 -0.16 13.62
CA ASP C 59 10.32 0.50 12.32
C ASP C 59 10.87 -0.44 11.26
N VAL C 60 10.02 -0.81 10.30
CA VAL C 60 10.39 -1.78 9.29
C VAL C 60 9.92 -1.28 7.94
N LEU C 61 10.81 -1.32 6.96
CA LEU C 61 10.50 -0.97 5.59
C LEU C 61 10.38 -2.25 4.76
N VAL C 62 9.22 -2.42 4.11
CA VAL C 62 8.95 -3.56 3.24
C VAL C 62 9.15 -3.14 1.79
N ILE C 63 10.08 -3.82 1.10
CA ILE C 63 10.36 -3.59 -0.31
C ILE C 63 9.79 -4.75 -1.12
N SER C 64 8.95 -4.44 -2.10
CA SER C 64 8.40 -5.49 -2.95
C SER C 64 8.21 -4.95 -4.37
N THR C 65 7.56 -5.75 -5.21
CA THR C 65 7.30 -5.42 -6.60
C THR C 65 6.16 -4.42 -6.69
N PRO C 66 6.00 -3.76 -7.84
CA PRO C 66 4.85 -2.86 -8.00
C PRO C 66 3.51 -3.56 -7.80
N GLN C 67 3.36 -4.77 -8.36
CA GLN C 67 2.09 -5.47 -8.30
C GLN C 67 1.81 -6.03 -6.91
N ASP C 68 2.85 -6.30 -6.13
CA ASP C 68 2.64 -6.97 -4.84
C ASP C 68 2.63 -6.00 -3.66
N THR C 69 3.29 -4.85 -3.76
CA THR C 69 3.25 -3.91 -2.65
C THR C 69 1.84 -3.62 -2.12
N PRO C 70 0.81 -3.47 -2.96
CA PRO C 70 -0.54 -3.29 -2.39
C PRO C 70 -1.01 -4.50 -1.60
N ARG C 71 -0.58 -5.70 -1.99
CA ARG C 71 -1.02 -6.88 -1.25
C ARG C 71 -0.36 -6.93 0.13
N PHE C 72 0.91 -6.56 0.23
CA PHE C 72 1.55 -6.46 1.55
C PHE C 72 0.90 -5.36 2.40
N GLN C 73 0.57 -4.22 1.79
CA GLN C 73 -0.11 -3.15 2.53
C GLN C 73 -1.44 -3.63 3.08
N GLN C 74 -2.23 -4.30 2.25
CA GLN C 74 -3.50 -4.84 2.72
C GLN C 74 -3.30 -5.82 3.88
N LEU C 75 -2.29 -6.69 3.79
CA LEU C 75 -2.04 -7.66 4.86
C LEU C 75 -1.53 -6.97 6.13
N LEU C 76 -0.52 -6.13 6.00
CA LEU C 76 0.19 -5.61 7.17
C LEU C 76 -0.27 -4.22 7.61
N GLY C 77 -0.90 -3.45 6.74
CA GLY C 77 -1.27 -2.09 7.11
C GLY C 77 -0.03 -1.28 7.43
N ASP C 78 -0.21 -0.29 8.32
CA ASP C 78 0.88 0.58 8.74
C ASP C 78 1.58 0.03 9.98
N GLY C 79 1.13 -1.12 10.50
CA GLY C 79 1.76 -1.76 11.63
C GLY C 79 1.41 -1.22 12.98
N SER C 80 0.64 -0.11 13.05
CA SER C 80 0.26 0.47 14.33
C SER C 80 -0.58 -0.47 15.18
N GLN C 81 -1.28 -1.42 14.56
CA GLN C 81 -1.98 -2.43 15.34
C GLN C 81 -1.03 -3.27 16.18
N TRP C 82 0.25 -3.32 15.83
CA TRP C 82 1.24 -4.06 16.62
C TRP C 82 2.19 -3.11 17.35
N GLY C 83 1.80 -1.86 17.50
CA GLY C 83 2.71 -0.88 18.07
C GLY C 83 3.92 -0.63 17.19
N MET C 84 3.82 -0.90 15.90
CA MET C 84 4.95 -0.73 14.99
C MET C 84 4.71 0.40 13.99
N ASN C 85 5.76 0.76 13.27
CA ASN C 85 5.65 1.60 12.09
C ASN C 85 6.18 0.84 10.87
N LEU C 86 5.26 0.43 10.01
CA LEU C 86 5.58 -0.25 8.78
C LEU C 86 5.49 0.75 7.63
N GLN C 87 6.54 0.83 6.82
CA GLN C 87 6.51 1.60 5.60
C GLN C 87 6.84 0.70 4.43
N TYR C 88 6.51 1.19 3.23
CA TYR C 88 6.62 0.44 1.98
C TYR C 88 7.44 1.22 0.95
N ALA C 89 8.20 0.50 0.13
CA ALA C 89 8.84 1.04 -1.06
C ALA C 89 8.83 -0.04 -2.13
N VAL C 90 9.05 0.37 -3.38
CA VAL C 90 8.90 -0.54 -4.50
C VAL C 90 10.24 -0.68 -5.21
N GLN C 91 10.66 -1.93 -5.46
CA GLN C 91 11.87 -2.24 -6.24
C GLN C 91 11.49 -2.51 -7.68
N PRO C 92 12.06 -1.79 -8.65
CA PRO C 92 11.57 -1.92 -10.04
C PRO C 92 11.90 -3.25 -10.66
N SER C 93 13.06 -3.82 -10.33
CA SER C 93 13.52 -5.11 -10.78
C SER C 93 14.26 -5.75 -9.62
N PRO C 94 14.18 -7.07 -9.49
CA PRO C 94 14.86 -7.73 -8.36
C PRO C 94 16.37 -7.76 -8.57
N ASP C 95 17.02 -6.65 -8.21
CA ASP C 95 18.43 -6.44 -8.52
C ASP C 95 19.27 -6.81 -7.30
N GLY C 96 20.44 -6.19 -7.16
CA GLY C 96 21.28 -6.49 -6.02
C GLY C 96 20.58 -6.24 -4.69
N LEU C 97 20.94 -7.04 -3.70
CA LEU C 97 20.38 -6.86 -2.36
C LEU C 97 20.76 -5.51 -1.78
N ALA C 98 21.98 -5.04 -2.05
CA ALA C 98 22.45 -3.78 -1.49
C ALA C 98 21.59 -2.61 -1.96
N GLN C 99 20.85 -2.79 -3.06
CA GLN C 99 19.94 -1.76 -3.54
C GLN C 99 18.90 -1.40 -2.48
N ALA C 100 18.69 -2.29 -1.49
CA ALA C 100 17.80 -1.94 -0.38
C ALA C 100 18.28 -0.71 0.36
N PHE C 101 19.60 -0.52 0.45
CA PHE C 101 20.08 0.63 1.18
C PHE C 101 19.98 1.91 0.36
N ILE C 102 19.95 1.81 -0.96
CA ILE C 102 19.69 2.97 -1.80
C ILE C 102 18.22 3.37 -1.71
N ILE C 103 17.33 2.39 -1.89
CA ILE C 103 15.89 2.64 -1.79
C ILE C 103 15.51 3.11 -0.39
N GLY C 104 16.08 2.51 0.64
CA GLY C 104 15.71 2.85 2.01
C GLY C 104 16.57 3.91 2.69
N GLU C 105 17.30 4.72 1.90
CA GLU C 105 18.24 5.68 2.49
C GLU C 105 17.52 6.71 3.37
N GLN C 106 16.40 7.28 2.89
CA GLN C 106 15.72 8.25 3.74
C GLN C 106 15.04 7.55 4.90
N PHE C 107 14.50 6.34 4.68
CA PHE C 107 13.92 5.60 5.80
C PHE C 107 14.96 5.34 6.87
N ILE C 108 16.15 4.89 6.45
CA ILE C 108 17.22 4.64 7.42
C ILE C 108 17.65 5.95 8.08
N GLY C 109 17.80 7.01 7.29
CA GLY C 109 18.29 8.26 7.86
C GLY C 109 19.69 8.01 8.35
N ASN C 110 19.98 8.42 9.58
CA ASN C 110 21.29 8.17 10.16
C ASN C 110 21.26 7.15 11.31
N ALA C 111 20.38 6.13 11.23
CA ALA C 111 20.24 5.09 12.24
C ALA C 111 21.01 3.84 11.86
N PRO C 112 21.35 2.98 12.83
CA PRO C 112 21.79 1.63 12.49
C PRO C 112 20.65 0.90 11.80
N SER C 113 20.98 -0.11 11.02
CA SER C 113 19.92 -0.78 10.27
C SER C 113 20.10 -2.30 10.33
N ALA C 114 19.13 -3.00 9.77
CA ALA C 114 19.18 -4.45 9.60
C ALA C 114 18.44 -4.78 8.32
N LEU C 115 18.96 -5.77 7.61
CA LEU C 115 18.35 -6.27 6.39
C LEU C 115 18.07 -7.76 6.57
N VAL C 116 16.84 -8.17 6.31
CA VAL C 116 16.49 -9.59 6.26
C VAL C 116 15.79 -9.88 4.94
N LEU C 117 16.12 -11.01 4.35
CA LEU C 117 15.45 -11.44 3.13
C LEU C 117 14.09 -12.02 3.48
N GLY C 118 13.10 -11.70 2.65
CA GLY C 118 11.70 -12.00 2.91
C GLY C 118 11.38 -13.47 2.95
N ASP C 119 12.30 -14.34 2.51
CA ASP C 119 12.05 -15.78 2.47
C ASP C 119 12.93 -16.56 3.44
N ASN C 120 13.54 -15.88 4.40
CA ASN C 120 14.41 -16.51 5.39
C ASN C 120 13.62 -16.77 6.67
N ILE C 121 13.56 -18.04 7.06
CA ILE C 121 12.82 -18.52 8.22
C ILE C 121 13.82 -19.07 9.24
N TYR C 122 13.86 -18.43 10.41
CA TYR C 122 14.73 -18.81 11.51
C TYR C 122 13.90 -19.26 12.70
N TYR C 123 14.45 -20.19 13.48
CA TYR C 123 13.91 -20.54 14.79
C TYR C 123 15.06 -20.99 15.68
N GLY C 124 15.00 -20.56 16.94
CA GLY C 124 15.89 -21.13 17.92
C GLY C 124 15.43 -20.67 19.29
N HIS C 125 15.53 -21.56 20.27
CA HIS C 125 15.15 -21.21 21.63
C HIS C 125 15.87 -19.95 22.10
N ASP C 126 17.15 -19.81 21.76
CA ASP C 126 17.97 -18.68 22.21
C ASP C 126 18.17 -17.63 21.13
N PHE C 127 17.33 -17.62 20.10
CA PHE C 127 17.53 -16.70 18.98
C PHE C 127 17.44 -15.23 19.42
N GLN C 128 16.48 -14.90 20.28
CA GLN C 128 16.32 -13.49 20.64
C GLN C 128 17.54 -12.92 21.32
N PRO C 129 18.15 -13.57 22.33
CA PRO C 129 19.43 -13.04 22.85
C PRO C 129 20.49 -12.92 21.77
N LEU C 130 20.49 -13.84 20.80
CA LEU C 130 21.46 -13.74 19.72
C LEU C 130 21.24 -12.46 18.90
N LEU C 131 19.97 -12.14 18.59
CA LEU C 131 19.67 -10.92 17.87
C LEU C 131 20.03 -9.69 18.72
N LYS C 132 19.66 -9.72 20.00
CA LYS C 132 19.99 -8.60 20.88
C LYS C 132 21.49 -8.37 20.97
N ALA C 133 22.28 -9.44 20.98
CA ALA C 133 23.73 -9.25 20.99
C ALA C 133 24.20 -8.59 19.71
N ALA C 134 23.65 -9.03 18.57
CA ALA C 134 24.00 -8.37 17.30
C ALA C 134 23.57 -6.91 17.32
N ASP C 135 22.36 -6.63 17.83
CA ASP C 135 21.86 -5.26 17.88
C ASP C 135 22.70 -4.39 18.78
N ALA C 136 23.36 -4.97 19.78
CA ALA C 136 24.17 -4.24 20.75
C ALA C 136 25.55 -3.88 20.22
N GLN C 137 25.96 -4.40 19.05
CA GLN C 137 27.23 -4.00 18.48
C GLN C 137 27.25 -2.50 18.26
N SER C 138 28.27 -1.82 18.78
CA SER C 138 28.32 -0.36 18.66
C SER C 138 28.68 0.08 17.25
N SER C 139 29.49 -0.70 16.54
CA SER C 139 30.00 -0.30 15.24
C SER C 139 30.13 -1.53 14.36
N GLY C 140 30.36 -1.29 13.08
CA GLY C 140 30.64 -2.39 12.16
C GLY C 140 29.37 -3.07 11.66
N ALA C 141 29.52 -4.34 11.28
CA ALA C 141 28.43 -5.13 10.73
C ALA C 141 28.46 -6.53 11.32
N THR C 142 27.30 -7.19 11.28
CA THR C 142 27.12 -8.55 11.77
C THR C 142 26.40 -9.38 10.73
N VAL C 143 26.94 -10.56 10.43
CA VAL C 143 26.25 -11.56 9.63
C VAL C 143 25.89 -12.73 10.55
N PHE C 144 24.90 -13.50 10.14
CA PHE C 144 24.44 -14.65 10.90
C PHE C 144 24.74 -15.90 10.10
N ALA C 145 25.59 -16.75 10.67
CA ALA C 145 26.12 -17.94 10.03
C ALA C 145 25.44 -19.19 10.59
N TYR C 146 25.15 -20.13 9.71
CA TYR C 146 24.44 -21.34 10.03
C TYR C 146 25.29 -22.55 9.66
N HIS C 147 25.47 -23.47 10.60
CA HIS C 147 26.30 -24.65 10.38
C HIS C 147 25.60 -25.62 9.46
N VAL C 148 26.25 -25.98 8.35
CA VAL C 148 25.70 -26.92 7.39
C VAL C 148 26.66 -28.07 7.18
N HIS C 149 26.12 -29.19 6.70
CA HIS C 149 26.94 -30.34 6.33
C HIS C 149 27.50 -30.24 4.91
N ASP C 150 26.99 -29.32 4.11
CA ASP C 150 27.38 -29.16 2.71
C ASP C 150 27.62 -27.68 2.40
N PRO C 151 28.68 -27.09 2.96
CA PRO C 151 28.88 -25.63 2.80
C PRO C 151 29.10 -25.18 1.36
N GLU C 152 29.59 -26.07 0.49
CA GLU C 152 29.90 -25.72 -0.90
C GLU C 152 28.71 -25.19 -1.67
N ARG C 153 27.49 -25.31 -1.15
CA ARG C 153 26.32 -24.81 -1.85
C ARG C 153 26.02 -23.36 -1.54
N TYR C 154 26.58 -22.83 -0.46
CA TYR C 154 26.22 -21.51 0.05
C TYR C 154 27.40 -20.56 -0.03
N GLY C 155 27.14 -19.31 0.37
CA GLY C 155 28.20 -18.39 0.69
C GLY C 155 28.75 -18.78 2.05
N VAL C 156 30.06 -18.93 2.13
CA VAL C 156 30.74 -19.49 3.30
C VAL C 156 31.51 -18.39 4.00
N VAL C 157 31.40 -18.32 5.32
CA VAL C 157 32.14 -17.34 6.11
C VAL C 157 33.09 -18.07 7.05
N GLN C 158 34.35 -17.66 7.02
CA GLN C 158 35.38 -18.10 7.94
C GLN C 158 35.66 -16.98 8.93
N PHE C 159 35.69 -17.31 10.22
CA PHE C 159 35.86 -16.30 11.25
C PHE C 159 36.83 -16.81 12.30
N ASN C 160 37.42 -15.87 13.04
CA ASN C 160 38.46 -16.17 14.00
C ASN C 160 37.83 -16.41 15.37
N ALA C 161 38.69 -16.63 16.37
CA ALA C 161 38.21 -16.93 17.71
C ALA C 161 37.47 -15.75 18.33
N GLN C 162 37.78 -14.53 17.91
CA GLN C 162 37.13 -13.35 18.47
C GLN C 162 35.78 -13.04 17.84
N GLY C 163 35.28 -13.88 16.92
CA GLY C 163 34.02 -13.63 16.26
C GLY C 163 34.10 -12.72 15.05
N GLN C 164 35.29 -12.46 14.52
CA GLN C 164 35.48 -11.58 13.38
C GLN C 164 35.66 -12.41 12.12
N ALA C 165 34.90 -12.08 11.08
CA ALA C 165 35.01 -12.81 9.82
C ALA C 165 36.38 -12.56 9.20
N VAL C 166 36.98 -13.61 8.64
CA VAL C 166 38.26 -13.51 7.96
C VAL C 166 38.12 -13.63 6.44
N SER C 167 37.12 -14.35 5.94
CA SER C 167 36.89 -14.45 4.51
C SER C 167 35.43 -14.82 4.27
N ILE C 168 34.94 -14.49 3.08
CA ILE C 168 33.61 -14.87 2.62
C ILE C 168 33.70 -15.27 1.15
N GLU C 169 33.37 -16.52 0.85
CA GLU C 169 33.52 -17.07 -0.49
C GLU C 169 32.21 -17.72 -0.93
N GLU C 170 31.85 -17.53 -2.20
CA GLU C 170 30.58 -18.02 -2.73
C GLU C 170 30.77 -19.42 -3.33
N LYS C 171 30.07 -20.40 -2.76
CA LYS C 171 30.08 -21.79 -3.17
C LYS C 171 31.52 -22.28 -3.47
N PRO C 172 32.39 -22.31 -2.47
CA PRO C 172 33.79 -22.68 -2.72
C PRO C 172 33.92 -24.19 -2.91
N LYS C 173 34.80 -24.56 -3.86
CA LYS C 173 35.14 -25.96 -4.03
C LYS C 173 35.93 -26.47 -2.83
N ALA C 174 36.69 -25.59 -2.18
CA ALA C 174 37.42 -25.91 -0.95
C ALA C 174 36.93 -24.99 0.15
N PRO C 175 35.76 -25.26 0.71
CA PRO C 175 35.20 -24.38 1.75
C PRO C 175 36.09 -24.32 2.98
N LYS C 176 36.33 -23.09 3.45
CA LYS C 176 37.19 -22.86 4.60
C LYS C 176 36.48 -23.03 5.92
N SER C 177 35.18 -23.28 5.91
CA SER C 177 34.42 -23.53 7.12
C SER C 177 33.13 -24.22 6.73
N ASN C 178 32.31 -24.55 7.73
CA ASN C 178 30.99 -25.15 7.57
C ASN C 178 29.86 -24.13 7.79
N TYR C 179 30.16 -22.84 7.77
CA TYR C 179 29.20 -21.82 8.16
C TYR C 179 28.69 -21.04 6.95
N ALA C 180 27.39 -21.19 6.67
CA ALA C 180 26.71 -20.50 5.58
C ALA C 180 26.25 -19.13 6.03
N VAL C 181 26.44 -18.14 5.16
CA VAL C 181 25.95 -16.79 5.42
C VAL C 181 24.45 -16.82 5.15
N THR C 182 23.65 -16.51 6.18
CA THR C 182 22.20 -16.46 6.02
C THR C 182 21.72 -15.06 5.60
N GLY C 183 20.42 -14.94 5.34
CA GLY C 183 19.89 -13.68 4.84
C GLY C 183 19.50 -12.67 5.91
N LEU C 184 20.39 -12.39 6.86
CA LEU C 184 20.13 -11.45 7.94
C LEU C 184 21.43 -10.72 8.23
N TYR C 185 21.41 -9.39 8.16
CA TYR C 185 22.61 -8.57 8.26
C TYR C 185 22.31 -7.36 9.15
N PHE C 186 23.20 -7.05 10.07
CA PHE C 186 23.08 -5.85 10.87
C PHE C 186 24.17 -4.88 10.47
N TYR C 187 23.83 -3.58 10.41
CA TYR C 187 24.79 -2.58 9.95
C TYR C 187 24.75 -1.35 10.82
N ASP C 188 25.89 -0.68 10.90
CA ASP C 188 25.96 0.62 11.55
C ASP C 188 25.61 1.69 10.52
N GLN C 189 26.02 2.93 10.75
CA GLN C 189 25.65 4.05 9.91
C GLN C 189 26.45 4.15 8.61
N GLN C 190 27.43 3.27 8.39
CA GLN C 190 28.26 3.36 7.21
C GLN C 190 27.67 2.70 5.97
N VAL C 191 26.58 1.93 6.11
CA VAL C 191 26.23 0.99 5.04
C VAL C 191 25.73 1.71 3.80
N VAL C 192 24.94 2.77 3.97
CA VAL C 192 24.37 3.45 2.81
C VAL C 192 25.49 3.98 1.92
N ASP C 193 26.49 4.63 2.52
CA ASP C 193 27.59 5.16 1.74
C ASP C 193 28.47 4.04 1.19
N ILE C 194 28.63 2.94 1.94
CA ILE C 194 29.33 1.78 1.42
C ILE C 194 28.59 1.21 0.21
N ALA C 195 27.27 1.09 0.33
CA ALA C 195 26.48 0.56 -0.77
C ALA C 195 26.65 1.39 -2.04
N LYS C 196 26.71 2.72 -1.90
CA LYS C 196 26.81 3.59 -3.07
C LYS C 196 28.14 3.46 -3.81
N ALA C 197 29.22 3.09 -3.12
CA ALA C 197 30.54 2.94 -3.71
C ALA C 197 30.84 1.52 -4.19
N VAL C 198 29.87 0.61 -4.06
CA VAL C 198 30.04 -0.79 -4.44
C VAL C 198 30.19 -0.93 -5.96
N LYS C 199 31.21 -1.89 -6.43
CA LYS C 199 31.03 -1.91 -7.88
C LYS C 199 29.99 -2.96 -8.25
N PRO C 200 29.15 -2.66 -9.24
CA PRO C 200 28.06 -3.56 -9.63
C PRO C 200 28.52 -4.82 -10.34
N SER C 201 27.55 -5.74 -10.52
CA SER C 201 27.67 -6.91 -11.39
C SER C 201 28.80 -7.84 -10.98
N GLU C 205 24.53 -5.36 -10.78
CA GLU C 205 23.77 -5.30 -9.54
C GLU C 205 24.69 -4.96 -8.36
N LEU C 206 24.13 -4.25 -7.36
CA LEU C 206 24.82 -3.94 -6.11
C LEU C 206 24.71 -5.13 -5.16
N GLU C 207 25.72 -5.99 -5.14
CA GLU C 207 25.65 -7.22 -4.38
C GLU C 207 25.86 -6.91 -2.88
N ILE C 208 25.12 -7.62 -2.03
CA ILE C 208 25.30 -7.48 -0.58
C ILE C 208 26.65 -8.04 -0.15
N THR C 209 27.20 -9.01 -0.89
CA THR C 209 28.53 -9.51 -0.54
C THR C 209 29.59 -8.42 -0.67
N SER C 210 29.45 -7.53 -1.64
CA SER C 210 30.40 -6.41 -1.73
C SER C 210 30.32 -5.52 -0.49
N VAL C 211 29.10 -5.24 -0.02
CA VAL C 211 28.96 -4.47 1.19
C VAL C 211 29.67 -5.17 2.34
N ASN C 212 29.40 -6.47 2.50
CA ASN C 212 30.02 -7.22 3.58
C ASN C 212 31.52 -7.36 3.37
N GLN C 213 31.97 -7.46 2.11
CA GLN C 213 33.41 -7.47 1.85
C GLN C 213 34.08 -6.20 2.32
N ALA C 214 33.43 -5.05 2.11
CA ALA C 214 34.01 -3.78 2.55
C ALA C 214 34.16 -3.75 4.07
N TYR C 215 33.14 -4.20 4.78
CA TYR C 215 33.21 -4.26 6.25
C TYR C 215 34.31 -5.21 6.73
N MET C 216 34.45 -6.36 6.06
CA MET C 216 35.47 -7.31 6.50
C MET C 216 36.87 -6.77 6.24
N GLN C 217 37.06 -6.10 5.09
CA GLN C 217 38.37 -5.52 4.81
C GLN C 217 38.72 -4.42 5.81
N GLN C 218 37.72 -3.76 6.38
CA GLN C 218 37.97 -2.81 7.47
C GLN C 218 38.13 -3.49 8.82
N GLY C 219 38.03 -4.81 8.89
CA GLY C 219 38.05 -5.49 10.17
C GLY C 219 36.85 -5.22 11.05
N GLN C 220 35.68 -4.98 10.46
CA GLN C 220 34.50 -4.62 11.23
C GLN C 220 33.32 -5.56 10.97
N LEU C 221 33.58 -6.76 10.44
CA LEU C 221 32.51 -7.72 10.15
C LEU C 221 32.52 -8.81 11.22
N ASN C 222 31.48 -8.83 12.05
CA ASN C 222 31.34 -9.83 13.11
C ASN C 222 30.38 -10.93 12.68
N VAL C 223 30.48 -12.07 13.36
CA VAL C 223 29.68 -13.24 13.04
C VAL C 223 28.98 -13.76 14.28
N GLN C 224 27.67 -13.92 14.19
CA GLN C 224 26.91 -14.67 15.18
C GLN C 224 26.63 -16.04 14.59
N THR C 225 26.95 -17.09 15.34
CA THR C 225 26.82 -18.46 14.87
C THR C 225 25.52 -19.08 15.36
N MET C 226 24.80 -19.73 14.46
CA MET C 226 23.60 -20.50 14.80
C MET C 226 23.91 -21.99 14.62
N GLY C 227 24.20 -22.68 15.72
CA GLY C 227 24.48 -24.10 15.62
C GLY C 227 23.34 -24.99 16.09
N ARG C 228 23.68 -25.92 16.97
CA ARG C 228 22.73 -26.89 17.48
C ARG C 228 21.51 -26.20 18.10
N GLY C 229 20.32 -26.65 17.71
CA GLY C 229 19.08 -26.09 18.21
C GLY C 229 18.45 -25.08 17.28
N TYR C 230 19.19 -24.60 16.28
CA TYR C 230 18.68 -23.60 15.37
C TYR C 230 18.21 -24.24 14.07
N ALA C 231 17.12 -23.71 13.53
CA ALA C 231 16.64 -24.02 12.20
C ALA C 231 16.78 -22.79 11.32
N TRP C 232 17.22 -23.01 10.09
CA TRP C 232 17.24 -22.00 9.05
C TRP C 232 16.67 -22.67 7.82
N LEU C 233 15.44 -22.31 7.48
CA LEU C 233 14.72 -23.03 6.46
C LEU C 233 14.99 -22.40 5.11
N ASP C 234 15.32 -23.27 4.17
CA ASP C 234 15.37 -22.88 2.77
C ASP C 234 13.94 -22.90 2.27
N THR C 235 13.48 -21.78 1.66
CA THR C 235 12.21 -21.82 0.95
C THR C 235 12.44 -21.75 -0.54
N GLY C 236 13.60 -22.22 -1.00
CA GLY C 236 13.98 -22.02 -2.39
C GLY C 236 13.18 -22.86 -3.37
N THR C 237 12.77 -24.06 -2.97
CA THR C 237 12.11 -24.99 -3.89
C THR C 237 10.77 -25.41 -3.29
N HIS C 238 9.93 -26.03 -4.12
CA HIS C 238 8.67 -26.55 -3.62
C HIS C 238 8.87 -27.58 -2.51
N ASP C 239 9.82 -28.51 -2.70
CA ASP C 239 10.11 -29.50 -1.65
C ASP C 239 10.54 -28.79 -0.39
N SER C 240 11.37 -27.77 -0.56
CA SER C 240 11.94 -27.06 0.58
C SER C 240 10.89 -26.22 1.32
N LEU C 241 9.97 -25.57 0.60
CA LEU C 241 8.88 -24.83 1.27
C LEU C 241 7.95 -25.78 2.02
N LEU C 242 7.72 -26.97 1.47
CA LEU C 242 6.91 -27.96 2.15
C LEU C 242 7.58 -28.41 3.44
N ASP C 243 8.90 -28.66 3.40
CA ASP C 243 9.63 -28.97 4.64
C ASP C 243 9.52 -27.86 5.67
N ALA C 244 9.61 -26.59 5.24
CA ALA C 244 9.49 -25.50 6.19
C ALA C 244 8.11 -25.53 6.83
N SER C 245 7.08 -25.76 6.03
CA SER C 245 5.73 -25.84 6.59
C SER C 245 5.62 -26.99 7.57
N GLN C 246 6.15 -28.16 7.19
CA GLN C 246 6.11 -29.34 8.05
C GLN C 246 6.81 -29.09 9.38
N PHE C 247 7.96 -28.41 9.33
CA PHE C 247 8.70 -28.09 10.53
C PHE C 247 7.89 -27.19 11.46
N ILE C 248 7.33 -26.10 10.91
CA ILE C 248 6.55 -25.16 11.74
C ILE C 248 5.36 -25.89 12.35
N ALA C 249 4.68 -26.71 11.55
CA ALA C 249 3.52 -27.44 12.04
C ALA C 249 3.92 -28.42 13.15
N THR C 250 5.11 -29.02 13.03
CA THR C 250 5.61 -29.95 14.04
C THR C 250 5.81 -29.23 15.37
N LEU C 251 6.53 -28.10 15.35
CA LEU C 251 6.75 -27.33 16.57
C LEU C 251 5.45 -26.89 17.20
N GLU C 252 4.49 -26.49 16.36
CA GLU C 252 3.29 -25.91 16.96
C GLU C 252 2.33 -27.00 17.45
N ASN C 253 2.22 -28.12 16.73
CA ASN C 253 1.29 -29.17 17.10
C ASN C 253 1.86 -30.19 18.09
N ARG C 254 3.16 -30.50 17.98
CA ARG C 254 3.80 -31.50 18.84
C ARG C 254 4.36 -30.88 20.10
N GLN C 255 4.85 -29.64 20.01
CA GLN C 255 5.50 -29.00 21.16
C GLN C 255 4.75 -27.75 21.67
N GLY C 256 3.60 -27.42 21.12
CA GLY C 256 2.90 -26.22 21.58
C GLY C 256 3.72 -24.94 21.54
N LEU C 257 4.55 -24.77 20.51
CA LEU C 257 5.34 -23.55 20.36
C LEU C 257 4.74 -22.74 19.22
N LYS C 258 4.92 -21.44 19.25
CA LYS C 258 4.36 -20.60 18.18
C LYS C 258 5.54 -19.91 17.51
N VAL C 259 5.67 -20.10 16.22
CA VAL C 259 6.73 -19.43 15.48
C VAL C 259 6.20 -18.19 14.75
N ALA C 260 6.86 -17.07 14.96
CA ALA C 260 6.60 -15.87 14.16
C ALA C 260 5.15 -15.39 14.30
N CYS C 261 4.72 -15.17 15.53
CA CYS C 261 3.40 -14.59 15.75
C CYS C 261 3.56 -13.13 16.14
N PRO C 262 3.36 -12.18 15.22
CA PRO C 262 3.63 -10.76 15.57
C PRO C 262 2.80 -10.26 16.75
N GLU C 263 1.54 -10.69 16.86
CA GLU C 263 0.69 -10.22 17.96
C GLU C 263 1.32 -10.57 19.32
N GLU C 264 1.76 -11.81 19.46
CA GLU C 264 2.39 -12.24 20.72
C GLU C 264 3.69 -11.49 20.96
N ILE C 265 4.52 -11.38 19.93
CA ILE C 265 5.80 -10.69 20.12
C ILE C 265 5.57 -9.24 20.50
N ALA C 266 4.63 -8.57 19.83
CA ALA C 266 4.34 -7.18 20.17
C ALA C 266 3.83 -7.07 21.59
N TRP C 267 2.95 -7.99 22.00
CA TRP C 267 2.42 -7.94 23.34
C TRP C 267 3.49 -8.25 24.37
N ARG C 268 4.27 -9.32 24.16
CA ARG C 268 5.32 -9.68 25.10
C ARG C 268 6.38 -8.57 25.21
N SER C 269 6.61 -7.82 24.13
CA SER C 269 7.59 -6.73 24.13
C SER C 269 7.04 -5.42 24.71
N GLY C 270 5.75 -5.36 25.07
CA GLY C 270 5.20 -4.14 25.60
C GLY C 270 4.81 -3.12 24.56
N TRP C 271 4.77 -3.51 23.28
CA TRP C 271 4.38 -2.58 22.22
C TRP C 271 2.87 -2.39 22.17
N ILE C 272 2.11 -3.39 22.63
CA ILE C 272 0.67 -3.28 22.80
C ILE C 272 0.35 -3.85 24.18
N ASN C 273 -0.76 -3.40 24.75
CA ASN C 273 -1.20 -3.90 26.04
C ASN C 273 -2.21 -5.03 25.84
N ALA C 274 -2.65 -5.64 26.95
CA ALA C 274 -3.53 -6.80 26.83
C ALA C 274 -4.87 -6.42 26.23
N SER C 275 -5.38 -5.22 26.52
CA SER C 275 -6.64 -4.80 25.94
C SER C 275 -6.52 -4.67 24.42
N GLN C 276 -5.41 -4.12 23.93
CA GLN C 276 -5.21 -4.01 22.49
C GLN C 276 -5.09 -5.38 21.84
N LEU C 277 -4.41 -6.33 22.50
CA LEU C 277 -4.27 -7.66 21.93
C LEU C 277 -5.62 -8.39 21.86
N GLU C 278 -6.44 -8.28 22.92
CA GLU C 278 -7.76 -8.90 22.90
C GLU C 278 -8.61 -8.32 21.80
N ALA C 279 -8.42 -7.03 21.49
CA ALA C 279 -9.14 -6.44 20.37
C ALA C 279 -8.68 -7.03 19.05
N LEU C 280 -7.39 -7.35 18.93
CA LEU C 280 -6.90 -7.94 17.69
C LEU C 280 -7.39 -9.37 17.51
N VAL C 281 -7.58 -10.10 18.62
CA VAL C 281 -7.88 -11.53 18.50
C VAL C 281 -9.36 -11.78 18.23
N GLN C 282 -10.24 -10.87 18.66
CA GLN C 282 -11.68 -11.12 18.59
C GLN C 282 -12.18 -11.47 17.20
N PRO C 283 -11.70 -10.88 16.11
CA PRO C 283 -12.11 -11.34 14.77
C PRO C 283 -11.45 -12.63 14.29
N LEU C 284 -10.43 -13.14 14.99
CA LEU C 284 -9.67 -14.28 14.51
C LEU C 284 -9.98 -15.57 15.28
N THR C 285 -11.09 -15.60 16.02
CA THR C 285 -11.39 -16.68 16.95
C THR C 285 -11.69 -18.01 16.28
N LYS C 286 -11.93 -18.05 14.96
CA LYS C 286 -12.46 -19.27 14.35
C LYS C 286 -11.41 -20.38 14.26
N ASN C 287 -10.12 -20.05 14.16
CA ASN C 287 -9.09 -21.08 13.98
C ASN C 287 -8.10 -21.07 15.15
N GLY C 288 -7.10 -21.95 15.07
CA GLY C 288 -6.13 -22.12 16.15
C GLY C 288 -5.18 -20.96 16.35
N TYR C 289 -4.96 -20.15 15.32
CA TYR C 289 -4.11 -18.98 15.48
C TYR C 289 -4.71 -18.02 16.51
N GLY C 290 -6.00 -17.74 16.39
CA GLY C 290 -6.64 -16.84 17.34
C GLY C 290 -6.81 -17.47 18.71
N GLN C 291 -7.15 -18.77 18.75
CA GLN C 291 -7.32 -19.43 20.04
C GLN C 291 -6.02 -19.44 20.84
N TYR C 292 -4.88 -19.57 20.16
CA TYR C 292 -3.62 -19.46 20.85
C TYR C 292 -3.46 -18.10 21.49
N LEU C 293 -3.81 -17.03 20.74
CA LEU C 293 -3.75 -15.69 21.32
C LEU C 293 -4.66 -15.57 22.54
N MET C 294 -5.91 -16.05 22.42
CA MET C 294 -6.80 -15.99 23.59
C MET C 294 -6.20 -16.73 24.78
N GLN C 295 -5.60 -17.90 24.56
CA GLN C 295 -5.11 -18.71 25.69
C GLN C 295 -3.95 -18.01 26.42
N ILE C 296 -3.03 -17.37 25.69
CA ILE C 296 -1.95 -16.68 26.39
C ILE C 296 -2.46 -15.43 27.12
N LEU C 297 -3.62 -14.90 26.70
CA LEU C 297 -4.23 -13.79 27.42
C LEU C 297 -4.74 -14.21 28.79
N LYS C 298 -5.19 -15.45 28.94
CA LYS C 298 -5.72 -15.93 30.20
C LYS C 298 -4.70 -16.77 30.98
N THR D 10 -18.50 -33.80 -26.87
CA THR D 10 -18.68 -33.34 -25.50
C THR D 10 -19.21 -31.89 -25.46
N GLN D 11 -20.52 -31.75 -25.27
CA GLN D 11 -21.17 -30.45 -25.22
C GLN D 11 -21.24 -29.85 -23.83
N ARG D 12 -20.70 -30.50 -22.81
CA ARG D 12 -20.90 -30.04 -21.45
C ARG D 12 -19.99 -28.86 -21.13
N LYS D 13 -20.55 -27.88 -20.40
CA LYS D 13 -19.81 -26.67 -20.04
C LYS D 13 -19.70 -26.61 -18.52
N GLY D 14 -18.50 -26.29 -18.04
CA GLY D 14 -18.21 -26.38 -16.62
C GLY D 14 -18.08 -25.05 -15.92
N ILE D 15 -18.40 -25.06 -14.63
CA ILE D 15 -18.28 -23.90 -13.77
C ILE D 15 -17.42 -24.27 -12.57
N ILE D 16 -16.46 -23.41 -12.24
CA ILE D 16 -15.74 -23.50 -10.98
C ILE D 16 -16.25 -22.37 -10.09
N LEU D 17 -16.79 -22.73 -8.94
CA LEU D 17 -17.22 -21.78 -7.93
C LEU D 17 -16.11 -21.63 -6.88
N ALA D 18 -15.40 -20.51 -6.91
CA ALA D 18 -14.31 -20.20 -5.99
C ALA D 18 -14.72 -19.06 -5.06
N GLY D 19 -15.60 -19.37 -4.11
CA GLY D 19 -16.16 -18.37 -3.23
C GLY D 19 -15.34 -18.08 -1.99
N GLY D 20 -16.00 -17.45 -1.01
CA GLY D 20 -15.38 -16.93 0.19
C GLY D 20 -14.44 -17.86 0.92
N SER D 21 -13.26 -17.35 1.28
CA SER D 21 -12.23 -18.15 1.95
C SER D 21 -12.54 -18.42 3.42
N GLY D 22 -13.33 -17.58 4.09
CA GLY D 22 -13.58 -17.82 5.50
C GLY D 22 -12.39 -17.44 6.37
N THR D 23 -12.63 -17.01 7.61
CA THR D 23 -11.49 -16.78 8.51
C THR D 23 -10.82 -18.08 8.98
N ARG D 24 -11.25 -19.23 8.45
CA ARG D 24 -10.73 -20.52 8.91
C ARG D 24 -9.24 -20.66 8.61
N LEU D 25 -8.76 -20.08 7.52
CA LEU D 25 -7.36 -20.17 7.13
C LEU D 25 -6.58 -18.88 7.42
N HIS D 26 -7.16 -17.92 8.12
CA HIS D 26 -6.42 -16.74 8.52
C HIS D 26 -5.29 -17.15 9.47
N PRO D 27 -4.18 -16.40 9.49
CA PRO D 27 -3.94 -15.18 8.70
C PRO D 27 -3.36 -15.43 7.32
N ALA D 28 -3.11 -16.70 6.96
CA ALA D 28 -2.63 -17.02 5.62
C ALA D 28 -3.55 -16.43 4.55
N THR D 29 -4.87 -16.44 4.77
CA THR D 29 -5.81 -15.95 3.77
C THR D 29 -6.14 -14.46 3.91
N LEU D 30 -5.49 -13.76 4.82
CA LEU D 30 -5.48 -12.31 4.77
C LEU D 30 -4.71 -11.85 3.54
N ALA D 31 -3.66 -12.58 3.16
CA ALA D 31 -2.78 -12.20 2.07
C ALA D 31 -3.22 -12.73 0.72
N ILE D 32 -3.75 -13.95 0.66
CA ILE D 32 -4.18 -14.56 -0.59
C ILE D 32 -5.51 -15.27 -0.34
N SER D 33 -6.41 -15.21 -1.32
CA SER D 33 -7.63 -15.99 -1.17
C SER D 33 -7.31 -17.49 -1.27
N LYS D 34 -8.17 -18.28 -0.63
CA LYS D 34 -7.89 -19.71 -0.44
C LYS D 34 -7.59 -20.42 -1.76
N GLN D 35 -8.37 -20.16 -2.80
CA GLN D 35 -8.20 -20.90 -4.04
C GLN D 35 -7.01 -20.42 -4.84
N LEU D 36 -6.27 -19.44 -4.35
CA LEU D 36 -4.97 -19.12 -4.94
C LEU D 36 -3.80 -19.66 -4.14
N LEU D 37 -4.03 -20.24 -2.96
CA LEU D 37 -2.96 -20.84 -2.19
C LEU D 37 -2.37 -22.02 -2.98
N PRO D 38 -1.07 -22.28 -2.86
CA PRO D 38 -0.50 -23.45 -3.51
C PRO D 38 -0.83 -24.72 -2.73
N VAL D 39 -1.18 -25.77 -3.44
CA VAL D 39 -1.19 -27.13 -2.91
C VAL D 39 0.01 -27.82 -3.54
N TYR D 40 1.09 -27.97 -2.77
CA TYR D 40 2.43 -28.34 -3.20
C TYR D 40 3.02 -27.33 -4.18
N ASP D 41 2.98 -27.63 -5.48
CA ASP D 41 3.70 -26.83 -6.45
C ASP D 41 2.81 -25.96 -7.34
N LYS D 42 1.49 -26.02 -7.18
CA LYS D 42 0.62 -25.33 -8.10
C LYS D 42 -0.56 -24.71 -7.37
N PRO D 43 -1.14 -23.64 -7.93
CA PRO D 43 -2.30 -23.01 -7.27
C PRO D 43 -3.45 -23.99 -7.11
N MET D 44 -4.16 -23.87 -5.99
CA MET D 44 -5.26 -24.79 -5.71
C MET D 44 -6.24 -24.86 -6.87
N ILE D 45 -6.48 -23.74 -7.57
CA ILE D 45 -7.49 -23.73 -8.64
C ILE D 45 -7.14 -24.66 -9.80
N TYR D 46 -5.86 -24.98 -10.02
CA TYR D 46 -5.50 -25.96 -11.04
C TYR D 46 -6.18 -27.31 -10.81
N TYR D 47 -6.40 -27.69 -9.53
CA TYR D 47 -6.94 -29.04 -9.25
C TYR D 47 -8.39 -29.19 -9.69
N PRO D 48 -9.34 -28.38 -9.22
CA PRO D 48 -10.70 -28.48 -9.79
C PRO D 48 -10.75 -28.16 -11.27
N LEU D 49 -9.91 -27.24 -11.75
CA LEU D 49 -9.83 -26.98 -13.18
C LEU D 49 -9.42 -28.23 -13.96
N SER D 50 -8.35 -28.90 -13.51
CA SER D 50 -7.93 -30.12 -14.22
C SER D 50 -8.99 -31.23 -14.13
N THR D 51 -9.78 -31.24 -13.06
CA THR D 51 -10.90 -32.19 -13.01
C THR D 51 -11.90 -31.92 -14.15
N LEU D 52 -12.26 -30.65 -14.36
CA LEU D 52 -13.17 -30.37 -15.48
C LEU D 52 -12.51 -30.75 -16.81
N MET D 53 -11.20 -30.50 -16.95
CA MET D 53 -10.50 -30.86 -18.18
C MET D 53 -10.49 -32.36 -18.39
N LEU D 54 -10.22 -33.13 -17.33
CA LEU D 54 -10.25 -34.59 -17.46
C LEU D 54 -11.61 -35.08 -17.92
N ALA D 55 -12.69 -34.40 -17.51
CA ALA D 55 -14.02 -34.79 -17.98
C ALA D 55 -14.25 -34.43 -19.43
N GLY D 56 -13.37 -33.63 -20.04
CA GLY D 56 -13.50 -33.26 -21.42
C GLY D 56 -14.01 -31.85 -21.66
N MET D 57 -14.20 -31.04 -20.64
CA MET D 57 -14.78 -29.71 -20.78
C MET D 57 -13.68 -28.73 -21.13
N ARG D 58 -13.87 -28.02 -22.25
CA ARG D 58 -12.95 -26.98 -22.69
C ARG D 58 -13.45 -25.58 -22.41
N ASP D 59 -14.74 -25.40 -22.13
CA ASP D 59 -15.30 -24.11 -21.77
C ASP D 59 -15.59 -24.12 -20.28
N VAL D 60 -14.95 -23.21 -19.55
CA VAL D 60 -15.08 -23.18 -18.10
C VAL D 60 -15.30 -21.74 -17.65
N LEU D 61 -16.32 -21.54 -16.81
CA LEU D 61 -16.56 -20.25 -16.17
C LEU D 61 -16.07 -20.30 -14.73
N VAL D 62 -15.19 -19.36 -14.38
CA VAL D 62 -14.67 -19.20 -13.01
C VAL D 62 -15.49 -18.11 -12.32
N ILE D 63 -16.20 -18.50 -11.27
CA ILE D 63 -17.01 -17.57 -10.49
C ILE D 63 -16.29 -17.33 -9.17
N SER D 64 -16.09 -16.06 -8.82
CA SER D 64 -15.43 -15.76 -7.57
C SER D 64 -15.98 -14.46 -6.99
N THR D 65 -15.34 -13.97 -5.95
CA THR D 65 -15.74 -12.74 -5.29
C THR D 65 -15.29 -11.55 -6.12
N PRO D 66 -15.83 -10.34 -5.85
CA PRO D 66 -15.33 -9.16 -6.58
C PRO D 66 -13.84 -8.98 -6.46
N GLN D 67 -13.29 -9.15 -5.24
CA GLN D 67 -11.88 -8.90 -5.03
C GLN D 67 -10.99 -9.99 -5.65
N ASP D 68 -11.49 -11.22 -5.76
CA ASP D 68 -10.63 -12.32 -6.19
C ASP D 68 -10.74 -12.68 -7.66
N THR D 69 -11.91 -12.51 -8.28
CA THR D 69 -12.05 -12.83 -9.71
C THR D 69 -10.98 -12.20 -10.60
N PRO D 70 -10.56 -10.95 -10.40
CA PRO D 70 -9.44 -10.46 -11.23
C PRO D 70 -8.14 -11.22 -11.03
N ARG D 71 -7.88 -11.76 -9.83
CA ARG D 71 -6.65 -12.51 -9.59
C ARG D 71 -6.66 -13.83 -10.36
N PHE D 72 -7.81 -14.50 -10.45
CA PHE D 72 -7.91 -15.70 -11.28
C PHE D 72 -7.67 -15.37 -12.74
N GLN D 73 -8.16 -14.20 -13.19
CA GLN D 73 -7.91 -13.72 -14.55
C GLN D 73 -6.42 -13.55 -14.81
N GLN D 74 -5.69 -12.95 -13.87
CA GLN D 74 -4.25 -12.82 -14.03
C GLN D 74 -3.61 -14.20 -14.17
N LEU D 75 -4.01 -15.15 -13.31
CA LEU D 75 -3.36 -16.46 -13.30
C LEU D 75 -3.63 -17.22 -14.58
N LEU D 76 -4.90 -17.35 -14.96
CA LEU D 76 -5.30 -18.27 -16.02
C LEU D 76 -5.47 -17.62 -17.38
N GLY D 77 -5.68 -16.31 -17.45
CA GLY D 77 -5.96 -15.71 -18.73
C GLY D 77 -7.26 -16.26 -19.29
N ASP D 78 -7.32 -16.30 -20.62
CA ASP D 78 -8.51 -16.81 -21.28
C ASP D 78 -8.44 -18.32 -21.54
N GLY D 79 -7.34 -18.97 -21.15
CA GLY D 79 -7.19 -20.39 -21.30
C GLY D 79 -6.79 -20.88 -22.68
N SER D 80 -6.67 -20.00 -23.68
CA SER D 80 -6.32 -20.47 -25.03
C SER D 80 -4.95 -21.16 -25.08
N GLN D 81 -4.06 -20.85 -24.12
CA GLN D 81 -2.77 -21.53 -24.04
C GLN D 81 -2.94 -23.02 -23.77
N TRP D 82 -4.11 -23.42 -23.29
CA TRP D 82 -4.44 -24.83 -23.09
C TRP D 82 -5.52 -25.29 -24.06
N GLY D 83 -5.75 -24.54 -25.14
CA GLY D 83 -6.83 -24.82 -26.06
C GLY D 83 -8.20 -24.66 -25.46
N MET D 84 -8.33 -23.90 -24.37
CA MET D 84 -9.58 -23.76 -23.65
C MET D 84 -10.15 -22.36 -23.83
N ASN D 85 -11.43 -22.23 -23.50
CA ASN D 85 -12.11 -20.93 -23.39
C ASN D 85 -12.50 -20.73 -21.93
N LEU D 86 -11.77 -19.86 -21.23
CA LEU D 86 -12.07 -19.55 -19.84
C LEU D 86 -12.77 -18.21 -19.77
N GLN D 87 -13.94 -18.18 -19.17
CA GLN D 87 -14.69 -16.97 -18.87
C GLN D 87 -14.76 -16.77 -17.36
N TYR D 88 -15.04 -15.54 -16.97
CA TYR D 88 -15.04 -15.16 -15.56
C TYR D 88 -16.34 -14.44 -15.23
N ALA D 89 -16.85 -14.68 -14.03
CA ALA D 89 -18.00 -13.96 -13.51
C ALA D 89 -17.83 -13.79 -12.02
N VAL D 90 -18.65 -12.91 -11.45
CA VAL D 90 -18.48 -12.45 -10.08
C VAL D 90 -19.71 -12.83 -9.28
N GLN D 91 -19.49 -13.41 -8.10
CA GLN D 91 -20.61 -13.54 -7.16
C GLN D 91 -20.50 -12.39 -6.18
N PRO D 92 -21.38 -11.39 -6.25
CA PRO D 92 -21.18 -10.16 -5.45
C PRO D 92 -21.41 -10.35 -3.96
N SER D 93 -22.28 -11.28 -3.57
CA SER D 93 -22.54 -11.59 -2.18
C SER D 93 -22.66 -13.11 -2.13
N PRO D 94 -22.17 -13.74 -1.06
CA PRO D 94 -22.18 -15.23 -0.98
C PRO D 94 -23.55 -15.82 -0.65
N ASP D 95 -24.39 -15.97 -1.67
CA ASP D 95 -25.80 -16.33 -1.50
C ASP D 95 -26.08 -17.79 -1.81
N GLY D 96 -25.07 -18.66 -1.81
CA GLY D 96 -25.31 -20.08 -2.05
C GLY D 96 -24.70 -20.64 -3.33
N LEU D 97 -24.35 -21.93 -3.29
CA LEU D 97 -23.77 -22.59 -4.47
C LEU D 97 -24.71 -22.56 -5.67
N ALA D 98 -26.02 -22.71 -5.44
CA ALA D 98 -26.94 -22.79 -6.57
C ALA D 98 -26.96 -21.50 -7.39
N GLN D 99 -26.59 -20.38 -6.78
CA GLN D 99 -26.51 -19.12 -7.51
C GLN D 99 -25.52 -19.20 -8.66
N ALA D 100 -24.61 -20.19 -8.65
CA ALA D 100 -23.67 -20.33 -9.76
C ALA D 100 -24.40 -20.54 -11.08
N PHE D 101 -25.54 -21.23 -11.04
CA PHE D 101 -26.29 -21.42 -12.28
C PHE D 101 -27.09 -20.20 -12.65
N ILE D 102 -27.44 -19.35 -11.68
CA ILE D 102 -28.08 -18.08 -12.01
C ILE D 102 -27.06 -17.11 -12.61
N ILE D 103 -25.90 -16.99 -11.96
CA ILE D 103 -24.81 -16.18 -12.51
C ILE D 103 -24.36 -16.74 -13.86
N GLY D 104 -24.33 -18.06 -14.01
CA GLY D 104 -23.82 -18.65 -15.24
C GLY D 104 -24.83 -18.98 -16.32
N GLU D 105 -26.03 -18.41 -16.25
CA GLU D 105 -27.11 -18.81 -17.15
C GLU D 105 -26.74 -18.60 -18.62
N GLN D 106 -26.19 -17.44 -18.96
CA GLN D 106 -25.85 -17.20 -20.37
C GLN D 106 -24.66 -18.04 -20.81
N PHE D 107 -23.68 -18.21 -19.92
CA PHE D 107 -22.55 -19.07 -20.27
C PHE D 107 -23.01 -20.48 -20.58
N ILE D 108 -23.92 -21.02 -19.78
CA ILE D 108 -24.40 -22.39 -19.98
C ILE D 108 -25.23 -22.50 -21.26
N GLY D 109 -26.08 -21.52 -21.53
CA GLY D 109 -26.93 -21.60 -22.72
C GLY D 109 -27.89 -22.77 -22.60
N ASN D 110 -27.97 -23.57 -23.68
CA ASN D 110 -28.78 -24.79 -23.69
C ASN D 110 -27.91 -26.05 -23.56
N ALA D 111 -26.79 -25.93 -22.92
CA ALA D 111 -25.89 -27.06 -22.85
C ALA D 111 -25.98 -27.75 -21.49
N PRO D 112 -25.62 -29.03 -21.42
CA PRO D 112 -25.39 -29.65 -20.12
C PRO D 112 -24.20 -28.99 -19.44
N SER D 113 -24.17 -29.10 -18.11
CA SER D 113 -23.19 -28.37 -17.34
C SER D 113 -22.59 -29.24 -16.25
N ALA D 114 -21.58 -28.69 -15.60
CA ALA D 114 -20.91 -29.28 -14.46
C ALA D 114 -20.46 -28.16 -13.54
N LEU D 115 -20.56 -28.40 -12.24
CA LEU D 115 -20.10 -27.48 -11.21
C LEU D 115 -19.09 -28.20 -10.32
N VAL D 116 -17.93 -27.58 -10.12
CA VAL D 116 -16.96 -28.06 -9.17
C VAL D 116 -16.59 -26.91 -8.24
N LEU D 117 -16.43 -27.24 -6.96
CA LEU D 117 -16.01 -26.26 -5.98
C LEU D 117 -14.52 -26.04 -6.08
N GLY D 118 -14.10 -24.79 -5.92
CA GLY D 118 -12.72 -24.38 -6.13
C GLY D 118 -11.70 -24.99 -5.19
N ASP D 119 -12.13 -25.60 -4.09
CA ASP D 119 -11.18 -26.18 -3.14
C ASP D 119 -11.28 -27.71 -3.06
N ASN D 120 -11.88 -28.35 -4.06
CA ASN D 120 -12.01 -29.80 -4.10
C ASN D 120 -10.89 -30.41 -4.94
N ILE D 121 -10.09 -31.28 -4.32
CA ILE D 121 -8.98 -31.97 -4.96
C ILE D 121 -9.26 -33.47 -5.00
N TYR D 122 -9.33 -34.03 -6.20
CA TYR D 122 -9.53 -35.44 -6.41
C TYR D 122 -8.28 -36.04 -7.06
N TYR D 123 -8.00 -37.31 -6.75
CA TYR D 123 -7.06 -38.08 -7.55
C TYR D 123 -7.44 -39.56 -7.50
N GLY D 124 -7.40 -40.19 -8.67
CA GLY D 124 -7.58 -41.63 -8.74
C GLY D 124 -7.17 -42.14 -10.10
N HIS D 125 -6.51 -43.31 -10.11
CA HIS D 125 -6.07 -43.91 -11.36
C HIS D 125 -7.20 -44.06 -12.36
N ASP D 126 -8.41 -44.32 -11.89
CA ASP D 126 -9.58 -44.49 -12.77
C ASP D 126 -10.47 -43.25 -12.79
N PHE D 127 -9.98 -42.11 -12.34
CA PHE D 127 -10.84 -40.94 -12.20
C PHE D 127 -11.40 -40.50 -13.56
N GLN D 128 -10.57 -40.46 -14.61
CA GLN D 128 -11.04 -39.99 -15.90
C GLN D 128 -12.14 -40.83 -16.52
N PRO D 129 -12.03 -42.18 -16.60
CA PRO D 129 -13.18 -42.96 -17.08
C PRO D 129 -14.43 -42.73 -16.27
N LEU D 130 -14.29 -42.55 -14.95
CA LEU D 130 -15.45 -42.26 -14.11
C LEU D 130 -16.07 -40.93 -14.49
N LEU D 131 -15.24 -39.91 -14.77
CA LEU D 131 -15.74 -38.62 -15.22
C LEU D 131 -16.41 -38.76 -16.58
N LYS D 132 -15.77 -39.48 -17.51
CA LYS D 132 -16.37 -39.67 -18.82
C LYS D 132 -17.70 -40.41 -18.73
N ALA D 133 -17.83 -41.37 -17.79
CA ALA D 133 -19.11 -42.06 -17.64
C ALA D 133 -20.20 -41.12 -17.13
N ALA D 134 -19.87 -40.26 -16.17
CA ALA D 134 -20.85 -39.27 -15.71
C ALA D 134 -21.22 -38.33 -16.84
N ASP D 135 -20.23 -37.92 -17.65
CA ASP D 135 -20.50 -37.03 -18.77
C ASP D 135 -21.43 -37.67 -19.80
N ALA D 136 -21.43 -39.00 -19.89
CA ALA D 136 -22.22 -39.71 -20.89
C ALA D 136 -23.70 -39.85 -20.53
N GLN D 137 -24.10 -39.54 -19.30
CA GLN D 137 -25.51 -39.62 -18.95
C GLN D 137 -26.33 -38.68 -19.81
N SER D 138 -27.37 -39.21 -20.46
CA SER D 138 -28.15 -38.41 -21.38
C SER D 138 -29.03 -37.41 -20.65
N SER D 139 -29.45 -37.73 -19.43
CA SER D 139 -30.37 -36.87 -18.69
C SER D 139 -30.06 -36.98 -17.21
N GLY D 140 -30.68 -36.09 -16.45
CA GLY D 140 -30.56 -36.13 -15.01
C GLY D 140 -29.29 -35.47 -14.51
N ALA D 141 -28.90 -35.89 -13.32
CA ALA D 141 -27.76 -35.30 -12.63
C ALA D 141 -26.93 -36.42 -12.02
N THR D 142 -25.66 -36.10 -11.75
CA THR D 142 -24.74 -37.03 -11.11
C THR D 142 -24.03 -36.32 -9.97
N VAL D 143 -24.04 -36.95 -8.78
CA VAL D 143 -23.22 -36.51 -7.66
C VAL D 143 -22.09 -37.51 -7.53
N PHE D 144 -20.98 -37.07 -6.97
CA PHE D 144 -19.82 -37.95 -6.78
C PHE D 144 -19.66 -38.17 -5.30
N ALA D 145 -19.79 -39.41 -4.89
CA ALA D 145 -19.79 -39.78 -3.47
C ALA D 145 -18.47 -40.44 -3.11
N TYR D 146 -17.97 -40.13 -1.93
CA TYR D 146 -16.67 -40.60 -1.49
C TYR D 146 -16.82 -41.32 -0.16
N HIS D 147 -16.30 -42.54 -0.09
CA HIS D 147 -16.46 -43.33 1.13
C HIS D 147 -15.58 -42.78 2.24
N VAL D 148 -16.18 -42.50 3.39
CA VAL D 148 -15.47 -42.03 4.57
C VAL D 148 -15.81 -42.97 5.72
N HIS D 149 -14.92 -43.00 6.72
CA HIS D 149 -15.17 -43.80 7.92
C HIS D 149 -16.06 -43.08 8.92
N ASP D 150 -16.27 -41.77 8.74
CA ASP D 150 -17.06 -40.97 9.68
C ASP D 150 -18.02 -40.09 8.89
N PRO D 151 -19.05 -40.69 8.29
CA PRO D 151 -19.97 -39.91 7.43
C PRO D 151 -20.71 -38.80 8.16
N GLU D 152 -20.78 -38.87 9.50
CA GLU D 152 -21.51 -37.95 10.36
C GLU D 152 -21.08 -36.50 10.22
N ARG D 153 -19.98 -36.21 9.51
CA ARG D 153 -19.46 -34.85 9.45
C ARG D 153 -19.63 -34.20 8.08
N TYR D 154 -20.35 -34.85 7.16
CA TYR D 154 -20.48 -34.39 5.78
C TYR D 154 -21.94 -34.42 5.34
N GLY D 155 -22.21 -33.96 4.11
CA GLY D 155 -23.46 -34.27 3.45
C GLY D 155 -23.41 -35.72 2.97
N VAL D 156 -24.42 -36.50 3.33
CA VAL D 156 -24.43 -37.96 3.15
C VAL D 156 -25.49 -38.34 2.13
N VAL D 157 -25.13 -39.21 1.18
CA VAL D 157 -26.08 -39.62 0.15
C VAL D 157 -26.34 -41.12 0.32
N GLN D 158 -27.62 -41.46 0.36
CA GLN D 158 -28.10 -42.83 0.37
C GLN D 158 -28.63 -43.13 -1.03
N PHE D 159 -28.19 -44.26 -1.58
CA PHE D 159 -28.54 -44.60 -2.95
C PHE D 159 -28.81 -46.09 -3.05
N ASN D 160 -29.55 -46.48 -4.09
CA ASN D 160 -30.01 -47.85 -4.25
C ASN D 160 -28.98 -48.61 -5.08
N ALA D 161 -29.33 -49.83 -5.48
CA ALA D 161 -28.42 -50.70 -6.21
C ALA D 161 -28.16 -50.23 -7.63
N GLN D 162 -29.09 -49.45 -8.22
CA GLN D 162 -28.93 -48.94 -9.58
C GLN D 162 -28.12 -47.65 -9.62
N GLY D 163 -27.60 -47.19 -8.48
CA GLY D 163 -26.89 -45.93 -8.45
C GLY D 163 -27.78 -44.73 -8.31
N GLN D 164 -29.03 -44.91 -7.92
CA GLN D 164 -29.99 -43.80 -7.85
C GLN D 164 -30.10 -43.29 -6.41
N ALA D 165 -29.92 -42.00 -6.24
CA ALA D 165 -29.98 -41.40 -4.91
C ALA D 165 -31.40 -41.41 -4.38
N VAL D 166 -31.55 -41.78 -3.11
CA VAL D 166 -32.84 -41.78 -2.46
C VAL D 166 -32.93 -40.73 -1.35
N SER D 167 -31.83 -40.38 -0.71
CA SER D 167 -31.88 -39.31 0.28
C SER D 167 -30.51 -38.66 0.37
N ILE D 168 -30.51 -37.39 0.78
CA ILE D 168 -29.29 -36.63 1.02
C ILE D 168 -29.53 -35.79 2.27
N GLU D 169 -28.73 -36.02 3.31
CA GLU D 169 -28.88 -35.38 4.61
C GLU D 169 -27.54 -34.76 5.00
N GLU D 170 -27.60 -33.64 5.71
CA GLU D 170 -26.42 -32.85 6.08
C GLU D 170 -25.98 -33.21 7.50
N LYS D 171 -24.72 -33.65 7.64
CA LYS D 171 -24.12 -34.19 8.87
C LYS D 171 -25.14 -34.91 9.76
N PRO D 172 -25.73 -36.01 9.30
CA PRO D 172 -26.79 -36.67 10.08
C PRO D 172 -26.23 -37.41 11.27
N LYS D 173 -26.90 -37.22 12.42
CA LYS D 173 -26.49 -37.91 13.64
C LYS D 173 -26.63 -39.42 13.50
N ALA D 174 -27.50 -39.89 12.60
CA ALA D 174 -27.63 -41.31 12.27
C ALA D 174 -27.49 -41.44 10.76
N PRO D 175 -26.26 -41.38 10.24
CA PRO D 175 -26.07 -41.35 8.79
C PRO D 175 -26.61 -42.62 8.13
N LYS D 176 -27.34 -42.42 7.04
CA LYS D 176 -27.94 -43.55 6.35
C LYS D 176 -26.99 -44.26 5.41
N SER D 177 -25.77 -43.72 5.27
CA SER D 177 -24.74 -44.36 4.46
C SER D 177 -23.40 -43.82 4.94
N ASN D 178 -22.32 -44.34 4.34
CA ASN D 178 -20.96 -43.90 4.61
C ASN D 178 -20.40 -43.04 3.49
N TYR D 179 -21.25 -42.52 2.61
CA TYR D 179 -20.79 -41.81 1.41
C TYR D 179 -21.04 -40.31 1.53
N ALA D 180 -19.97 -39.55 1.58
CA ALA D 180 -20.10 -38.09 1.61
C ALA D 180 -20.26 -37.57 0.18
N VAL D 181 -21.16 -36.61 0.01
CA VAL D 181 -21.30 -35.94 -1.28
C VAL D 181 -20.13 -34.97 -1.41
N THR D 182 -19.35 -35.12 -2.48
CA THR D 182 -18.21 -34.23 -2.72
C THR D 182 -18.64 -33.04 -3.57
N GLY D 183 -17.72 -32.10 -3.78
CA GLY D 183 -18.05 -30.88 -4.50
C GLY D 183 -17.92 -30.94 -6.01
N LEU D 184 -18.56 -31.94 -6.63
CA LEU D 184 -18.53 -32.11 -8.07
C LEU D 184 -19.89 -32.60 -8.54
N TYR D 185 -20.53 -31.86 -9.46
CA TYR D 185 -21.91 -32.12 -9.86
C TYR D 185 -22.05 -31.99 -11.38
N PHE D 186 -22.75 -32.95 -11.99
CA PHE D 186 -23.07 -32.92 -13.41
C PHE D 186 -24.58 -32.73 -13.59
N TYR D 187 -24.98 -31.94 -14.58
CA TYR D 187 -26.39 -31.62 -14.78
C TYR D 187 -26.75 -31.61 -16.25
N ASP D 188 -28.03 -31.90 -16.55
CA ASP D 188 -28.56 -31.74 -17.88
C ASP D 188 -29.08 -30.30 -18.04
N GLN D 189 -29.95 -30.07 -19.00
CA GLN D 189 -30.41 -28.72 -19.31
C GLN D 189 -31.43 -28.19 -18.31
N GLN D 190 -31.84 -28.97 -17.31
CA GLN D 190 -32.89 -28.50 -16.42
C GLN D 190 -32.37 -27.61 -15.30
N VAL D 191 -31.06 -27.59 -15.06
CA VAL D 191 -30.56 -27.10 -13.77
C VAL D 191 -30.77 -25.59 -13.61
N VAL D 192 -30.62 -24.83 -14.70
CA VAL D 192 -30.74 -23.38 -14.57
C VAL D 192 -32.11 -22.99 -14.04
N ASP D 193 -33.17 -23.58 -14.62
CA ASP D 193 -34.53 -23.28 -14.18
C ASP D 193 -34.81 -23.83 -12.80
N ILE D 194 -34.25 -24.99 -12.48
CA ILE D 194 -34.39 -25.50 -11.12
C ILE D 194 -33.73 -24.55 -10.13
N ALA D 195 -32.51 -24.12 -10.44
CA ALA D 195 -31.77 -23.24 -9.54
C ALA D 195 -32.50 -21.92 -9.31
N LYS D 196 -33.12 -21.38 -10.37
CA LYS D 196 -33.86 -20.13 -10.23
C LYS D 196 -35.07 -20.30 -9.32
N ALA D 197 -35.59 -21.52 -9.23
CA ALA D 197 -36.74 -21.79 -8.37
C ALA D 197 -36.34 -22.17 -6.95
N VAL D 198 -35.04 -22.20 -6.64
CA VAL D 198 -34.59 -22.56 -5.31
C VAL D 198 -34.90 -21.43 -4.33
N LYS D 199 -35.50 -21.79 -3.18
CA LYS D 199 -35.72 -20.86 -2.09
C LYS D 199 -34.56 -20.93 -1.11
N PRO D 200 -34.21 -19.81 -0.47
CA PRO D 200 -33.07 -19.81 0.44
C PRO D 200 -33.34 -20.67 1.67
N SER D 201 -32.26 -21.23 2.21
CA SER D 201 -32.32 -22.00 3.44
C SER D 201 -32.49 -21.07 4.65
N ALA D 202 -32.48 -21.68 5.84
CA ALA D 202 -32.47 -20.89 7.07
C ALA D 202 -31.24 -20.02 7.15
N ARG D 203 -30.09 -20.54 6.71
CA ARG D 203 -28.86 -19.75 6.68
C ARG D 203 -28.88 -18.66 5.62
N GLY D 204 -29.91 -18.60 4.79
CA GLY D 204 -30.05 -17.52 3.82
C GLY D 204 -29.41 -17.77 2.48
N GLU D 205 -29.08 -19.01 2.14
CA GLU D 205 -28.34 -19.34 0.94
C GLU D 205 -29.16 -20.23 0.01
N LEU D 206 -28.96 -20.05 -1.29
CA LEU D 206 -29.58 -20.91 -2.29
C LEU D 206 -28.71 -22.15 -2.38
N GLU D 207 -29.08 -23.17 -1.60
CA GLU D 207 -28.22 -24.34 -1.40
C GLU D 207 -28.26 -25.25 -2.62
N ILE D 208 -27.12 -25.86 -2.93
CA ILE D 208 -27.06 -26.81 -4.03
C ILE D 208 -27.88 -28.06 -3.71
N THR D 209 -28.02 -28.40 -2.43
CA THR D 209 -28.80 -29.57 -2.06
C THR D 209 -30.26 -29.44 -2.50
N SER D 210 -30.81 -28.21 -2.53
CA SER D 210 -32.17 -28.02 -3.05
C SER D 210 -32.22 -28.42 -4.52
N VAL D 211 -31.21 -28.03 -5.31
CA VAL D 211 -31.13 -28.43 -6.70
C VAL D 211 -31.06 -29.95 -6.82
N ASN D 212 -30.19 -30.57 -6.03
CA ASN D 212 -30.07 -32.02 -6.11
C ASN D 212 -31.33 -32.72 -5.61
N GLN D 213 -32.03 -32.15 -4.63
CA GLN D 213 -33.27 -32.74 -4.17
C GLN D 213 -34.32 -32.78 -5.28
N ALA D 214 -34.39 -31.74 -6.12
CA ALA D 214 -35.34 -31.73 -7.22
C ALA D 214 -35.04 -32.85 -8.21
N TYR D 215 -33.77 -33.05 -8.56
CA TYR D 215 -33.42 -34.15 -9.45
C TYR D 215 -33.79 -35.48 -8.82
N MET D 216 -33.61 -35.60 -7.51
CA MET D 216 -33.90 -36.86 -6.81
C MET D 216 -35.39 -37.17 -6.81
N GLN D 217 -36.23 -36.14 -6.63
CA GLN D 217 -37.67 -36.37 -6.68
C GLN D 217 -38.13 -36.81 -8.06
N GLN D 218 -37.40 -36.48 -9.11
CA GLN D 218 -37.65 -37.02 -10.43
C GLN D 218 -37.01 -38.39 -10.66
N GLY D 219 -36.33 -38.97 -9.67
CA GLY D 219 -35.61 -40.20 -9.92
C GLY D 219 -34.47 -40.01 -10.91
N GLN D 220 -33.87 -38.83 -10.93
CA GLN D 220 -32.86 -38.49 -11.93
C GLN D 220 -31.52 -38.08 -11.31
N LEU D 221 -31.31 -38.39 -10.05
CA LEU D 221 -30.05 -38.11 -9.38
C LEU D 221 -29.28 -39.41 -9.23
N ASN D 222 -28.21 -39.56 -10.00
CA ASN D 222 -27.35 -40.73 -9.95
C ASN D 222 -26.08 -40.41 -9.16
N VAL D 223 -25.43 -41.48 -8.70
CA VAL D 223 -24.27 -41.36 -7.82
C VAL D 223 -23.11 -42.12 -8.46
N GLN D 224 -21.98 -41.45 -8.58
CA GLN D 224 -20.73 -42.11 -8.92
C GLN D 224 -19.89 -42.29 -7.66
N THR D 225 -19.43 -43.51 -7.44
CA THR D 225 -18.73 -43.89 -6.22
C THR D 225 -17.22 -43.83 -6.42
N MET D 226 -16.54 -43.19 -5.47
CA MET D 226 -15.09 -43.15 -5.42
C MET D 226 -14.58 -43.93 -4.20
N GLY D 227 -14.21 -45.19 -4.41
CA GLY D 227 -13.71 -46.05 -3.34
C GLY D 227 -12.19 -46.24 -3.36
N ARG D 228 -11.79 -47.50 -3.36
CA ARG D 228 -10.38 -47.86 -3.35
C ARG D 228 -9.65 -47.24 -4.53
N GLY D 229 -8.50 -46.66 -4.25
CA GLY D 229 -7.73 -45.99 -5.25
C GLY D 229 -7.97 -44.50 -5.32
N TYR D 230 -9.05 -44.01 -4.71
CA TYR D 230 -9.40 -42.58 -4.81
C TYR D 230 -8.97 -41.81 -3.57
N ALA D 231 -8.50 -40.58 -3.80
CA ALA D 231 -8.22 -39.60 -2.78
C ALA D 231 -9.15 -38.43 -2.97
N TRP D 232 -9.68 -37.93 -1.86
CA TRP D 232 -10.46 -36.70 -1.83
C TRP D 232 -9.92 -35.88 -0.66
N LEU D 233 -9.19 -34.83 -0.96
CA LEU D 233 -8.40 -34.14 0.05
C LEU D 233 -9.23 -33.04 0.70
N ASP D 234 -9.14 -32.95 2.02
CA ASP D 234 -9.73 -31.86 2.76
C ASP D 234 -8.81 -30.63 2.72
N THR D 235 -9.32 -29.52 2.23
CA THR D 235 -8.61 -28.24 2.25
C THR D 235 -9.18 -27.28 3.27
N GLY D 236 -9.86 -27.79 4.31
CA GLY D 236 -10.58 -26.91 5.21
C GLY D 236 -9.73 -26.21 6.25
N THR D 237 -8.66 -26.85 6.72
CA THR D 237 -7.87 -26.32 7.83
C THR D 237 -6.42 -26.21 7.38
N HIS D 238 -5.60 -25.50 8.18
CA HIS D 238 -4.19 -25.45 7.87
C HIS D 238 -3.56 -26.85 7.95
N ASP D 239 -3.98 -27.64 8.95
CA ASP D 239 -3.47 -29.00 9.09
C ASP D 239 -3.85 -29.85 7.89
N SER D 240 -5.12 -29.79 7.47
CA SER D 240 -5.52 -30.63 6.35
C SER D 240 -4.94 -30.15 5.02
N LEU D 241 -4.74 -28.83 4.86
CA LEU D 241 -4.11 -28.31 3.65
C LEU D 241 -2.66 -28.78 3.55
N LEU D 242 -1.95 -28.81 4.68
CA LEU D 242 -0.59 -29.34 4.70
C LEU D 242 -0.59 -30.83 4.34
N ASP D 243 -1.52 -31.60 4.90
CA ASP D 243 -1.67 -33.01 4.50
C ASP D 243 -1.93 -33.15 3.00
N ALA D 244 -2.76 -32.23 2.44
CA ALA D 244 -3.02 -32.28 1.01
C ALA D 244 -1.76 -32.03 0.20
N SER D 245 -0.93 -31.08 0.64
CA SER D 245 0.33 -30.79 -0.04
C SER D 245 1.27 -31.98 0.06
N GLN D 246 1.36 -32.57 1.25
CA GLN D 246 2.17 -33.74 1.44
C GLN D 246 1.70 -34.87 0.53
N PHE D 247 0.38 -35.02 0.37
CA PHE D 247 -0.12 -36.08 -0.49
C PHE D 247 0.35 -35.90 -1.92
N ILE D 248 0.15 -34.68 -2.46
CA ILE D 248 0.53 -34.41 -3.84
C ILE D 248 2.03 -34.63 -4.05
N ALA D 249 2.85 -34.14 -3.12
CA ALA D 249 4.30 -34.30 -3.25
C ALA D 249 4.70 -35.77 -3.22
N THR D 250 4.01 -36.56 -2.40
CA THR D 250 4.31 -37.98 -2.29
C THR D 250 4.07 -38.68 -3.61
N LEU D 251 2.88 -38.49 -4.20
CA LEU D 251 2.56 -39.15 -5.45
C LEU D 251 3.48 -38.70 -6.56
N GLU D 252 3.84 -37.41 -6.59
CA GLU D 252 4.65 -36.92 -7.69
C GLU D 252 6.10 -37.32 -7.54
N ASN D 253 6.62 -37.34 -6.31
CA ASN D 253 8.02 -37.69 -6.11
C ASN D 253 8.24 -39.21 -6.10
N ARG D 254 7.24 -39.99 -5.65
CA ARG D 254 7.42 -41.43 -5.57
C ARG D 254 6.96 -42.16 -6.84
N GLN D 255 5.86 -41.72 -7.46
CA GLN D 255 5.29 -42.46 -8.58
C GLN D 255 5.52 -41.77 -9.92
N GLY D 256 6.31 -40.69 -9.96
CA GLY D 256 6.56 -40.01 -11.23
C GLY D 256 5.29 -39.60 -11.92
N LEU D 257 4.30 -39.16 -11.16
CA LEU D 257 3.02 -38.72 -11.68
C LEU D 257 2.90 -37.21 -11.52
N LYS D 258 1.97 -36.63 -12.26
CA LYS D 258 1.67 -35.21 -12.10
C LYS D 258 0.17 -35.11 -11.83
N VAL D 259 -0.21 -34.53 -10.71
CA VAL D 259 -1.61 -34.33 -10.40
C VAL D 259 -2.00 -32.93 -10.84
N ALA D 260 -3.06 -32.84 -11.64
CA ALA D 260 -3.66 -31.56 -12.02
C ALA D 260 -2.66 -30.69 -12.79
N CYS D 261 -2.11 -31.23 -13.86
CA CYS D 261 -1.23 -30.45 -14.72
C CYS D 261 -1.99 -30.09 -15.99
N PRO D 262 -2.51 -28.86 -16.12
CA PRO D 262 -3.34 -28.53 -17.30
C PRO D 262 -2.59 -28.65 -18.62
N GLU D 263 -1.31 -28.26 -18.66
CA GLU D 263 -0.55 -28.37 -19.90
C GLU D 263 -0.51 -29.83 -20.36
N GLU D 264 -0.22 -30.74 -19.44
CA GLU D 264 -0.16 -32.17 -19.79
C GLU D 264 -1.52 -32.66 -20.26
N ILE D 265 -2.58 -32.34 -19.52
CA ILE D 265 -3.93 -32.80 -19.86
C ILE D 265 -4.38 -32.25 -21.19
N ALA D 266 -4.12 -30.96 -21.45
CA ALA D 266 -4.47 -30.38 -22.74
C ALA D 266 -3.72 -31.07 -23.88
N TRP D 267 -2.43 -31.36 -23.68
CA TRP D 267 -1.67 -32.01 -24.74
C TRP D 267 -2.16 -33.44 -24.98
N ARG D 268 -2.27 -34.23 -23.91
CA ARG D 268 -2.71 -35.61 -24.04
C ARG D 268 -4.10 -35.71 -24.63
N SER D 269 -4.93 -34.67 -24.45
CA SER D 269 -6.28 -34.64 -24.98
C SER D 269 -6.34 -34.20 -26.44
N GLY D 270 -5.22 -33.78 -27.01
CA GLY D 270 -5.21 -33.28 -28.37
C GLY D 270 -5.62 -31.82 -28.51
N TRP D 271 -5.76 -31.09 -27.41
CA TRP D 271 -6.15 -29.68 -27.51
C TRP D 271 -4.97 -28.79 -27.87
N ILE D 272 -3.75 -29.21 -27.56
CA ILE D 272 -2.55 -28.54 -28.05
C ILE D 272 -1.60 -29.61 -28.57
N ASN D 273 -0.74 -29.22 -29.50
CA ASN D 273 0.25 -30.10 -30.09
C ASN D 273 1.59 -29.95 -29.35
N ALA D 274 2.57 -30.76 -29.77
CA ALA D 274 3.85 -30.78 -29.06
C ALA D 274 4.61 -29.46 -29.20
N SER D 275 4.52 -28.78 -30.35
CA SER D 275 5.22 -27.51 -30.47
C SER D 275 4.59 -26.45 -29.54
N GLN D 276 3.26 -26.41 -29.48
CA GLN D 276 2.62 -25.46 -28.57
C GLN D 276 3.00 -25.76 -27.12
N LEU D 277 3.09 -27.05 -26.77
CA LEU D 277 3.44 -27.43 -25.40
C LEU D 277 4.91 -27.11 -25.10
N GLU D 278 5.80 -27.33 -26.08
CA GLU D 278 7.19 -26.97 -25.88
C GLU D 278 7.34 -25.47 -25.69
N ALA D 279 6.45 -24.67 -26.29
CA ALA D 279 6.47 -23.23 -26.11
C ALA D 279 6.06 -22.81 -24.69
N LEU D 280 5.14 -23.56 -24.07
CA LEU D 280 4.76 -23.29 -22.69
C LEU D 280 5.88 -23.67 -21.72
N VAL D 281 6.70 -24.66 -22.09
CA VAL D 281 7.71 -25.19 -21.18
C VAL D 281 8.97 -24.34 -21.14
N GLN D 282 9.24 -23.56 -22.19
CA GLN D 282 10.50 -22.83 -22.26
C GLN D 282 10.77 -21.90 -21.08
N PRO D 283 9.81 -21.15 -20.55
CA PRO D 283 10.08 -20.35 -19.34
C PRO D 283 10.05 -21.11 -18.02
N LEU D 284 9.59 -22.36 -17.98
CA LEU D 284 9.39 -23.05 -16.71
C LEU D 284 10.44 -24.12 -16.45
N THR D 285 11.55 -24.12 -17.18
CA THR D 285 12.52 -25.21 -17.13
C THR D 285 13.23 -25.32 -15.78
N LYS D 286 13.16 -24.30 -14.92
CA LYS D 286 14.01 -24.27 -13.73
C LYS D 286 13.58 -25.28 -12.66
N ASN D 287 12.30 -25.65 -12.59
CA ASN D 287 11.83 -26.52 -11.52
C ASN D 287 11.34 -27.85 -12.09
N GLY D 288 10.86 -28.73 -11.20
CA GLY D 288 10.39 -30.03 -11.63
C GLY D 288 9.13 -30.00 -12.43
N TYR D 289 8.33 -28.94 -12.30
CA TYR D 289 7.11 -28.83 -13.09
C TYR D 289 7.43 -28.72 -14.59
N GLY D 290 8.37 -27.85 -14.94
CA GLY D 290 8.73 -27.69 -16.34
C GLY D 290 9.57 -28.84 -16.87
N GLN D 291 10.45 -29.41 -16.03
CA GLN D 291 11.23 -30.56 -16.43
C GLN D 291 10.37 -31.80 -16.67
N TYR D 292 9.30 -31.98 -15.89
CA TYR D 292 8.36 -33.06 -16.17
C TYR D 292 7.73 -32.88 -17.55
N LEU D 293 7.27 -31.66 -17.86
CA LEU D 293 6.70 -31.43 -19.18
C LEU D 293 7.74 -31.66 -20.27
N MET D 294 9.00 -31.31 -20.01
CA MET D 294 10.07 -31.65 -20.95
CA MET D 294 10.04 -31.64 -20.98
C MET D 294 10.18 -33.15 -21.13
N GLN D 295 10.16 -33.89 -20.02
CA GLN D 295 10.31 -35.34 -20.06
C GLN D 295 9.22 -36.00 -20.89
N ILE D 296 7.98 -35.52 -20.79
CA ILE D 296 6.90 -36.14 -21.55
C ILE D 296 6.97 -35.78 -23.03
N LEU D 297 7.62 -34.67 -23.40
CA LEU D 297 7.79 -34.37 -24.82
C LEU D 297 8.77 -35.33 -25.48
N LYS D 298 9.82 -35.76 -24.77
CA LYS D 298 10.79 -36.70 -25.33
C LYS D 298 10.53 -38.13 -24.85
#